data_1SKY
#
_entry.id   1SKY
#
_cell.length_a   159.500
_cell.length_b   159.500
_cell.length_c   159.500
_cell.angle_alpha   90.00
_cell.angle_beta   90.00
_cell.angle_gamma   90.00
#
_symmetry.space_group_name_H-M   'P 21 3'
#
loop_
_entity.id
_entity.type
_entity.pdbx_description
1 polymer F1-ATPASE
2 polymer F1-ATPASE
3 non-polymer 'SULFATE ION'
#
loop_
_entity_poly.entity_id
_entity_poly.type
_entity_poly.pdbx_seq_one_letter_code
_entity_poly.pdbx_strand_id
1 'polypeptide(L)'
;MSIRAEEISALIKQQIENYESQIQVSDVGTVIQVGDGIARAHGLDNVMSGEAVEFANAVMGMALNLEENNVGIVILGPYT
GIKEGDEVRRTGRIMEVPVGETLIGRVVNPLGQPVDGLGPVETTETRPIESRAPGVMDRRSVHEPLQTGIKAIDALVPIG
RGQRELIIGDRQTGKTSVAIDTIINQKDQNMICIYVAIGQKESTVATVVETLAKHGAPDYTIVVTASASQPAPLLFLAPY
AGVAMGEYFMIMGKHVLVVIDDLSKQAAAYRQLSLLLRRPPGREAYPGDIFYLHSRLLERAAKLSDAKGGGSLTALPFVE
TQAGDISAYIPTNVISITDGQIFLQSDLFFSGVRPAINAGLSVSRVGGAAQIKAMKKVAGTLRLDLAAYRELEAFAQFGS
DLDKATQANVARGARTVEVLKQDLHQPIPVEKQVLIIYALTRGFLDDIPVEDVRRFEKEFYLWLDQNGQHLLEHIRTTKD
LPNEDDLNQAIEAFKKTFVVSQ
;
B
2 'polypeptide(L)'
;MTRGRVIQVMGPVVDVKFENGHLPAIYNALKIQHKARNENEVDIDLTLEVALHLGDDTVRTIAMASTDGLIRGMEVIDTG
APISVPVGQVTLGRVFNVLGEPIDLEGDIPADARRDPIHRPAPKFEELATEVEILETGIKVVDLLAPYIKGGKIGLFGGA
GVGKTVLIQELIHNIAQEHGGISVFAGVGERTREGNDLYHEMKDSGVISKTAMVFGQMNEPPGARMRVALTGLTMAEYFR
DEQGQDGLLFIDNIFRFTQAGSEVSALLGRMPSAIGYQPTLATEMGQLQERITSTAKGSITSIQAIYVPADDYTDPAPAT
TFSHLDATTNLERKLAEMGIYPAVDPLVSTSRALAPEIVGEEHYQVARKVQQTLERYKELQDIIAILGMDELSDEDKLVV
HRARRIQFFLSQNFHVAEQFTGQPGSYVPVKETVRGFKEILEGKYDHLPEDRFRLVGRIEEVVEKAKAMGVEV
;
E
#
loop_
_chem_comp.id
_chem_comp.type
_chem_comp.name
_chem_comp.formula
SO4 non-polymer 'SULFATE ION' 'O4 S -2'
#
# COMPACT_ATOMS: atom_id res chain seq x y z
N SER A 21 9.39 -18.07 45.44
CA SER A 21 8.99 -17.46 44.14
C SER A 21 7.59 -17.91 43.75
N GLN A 22 6.55 -17.38 44.37
CA GLN A 22 5.24 -17.87 43.98
C GLN A 22 4.10 -16.89 43.74
N ILE A 23 3.52 -16.34 44.79
CA ILE A 23 2.36 -15.47 44.62
C ILE A 23 2.60 -13.96 44.59
N GLN A 24 3.33 -13.42 45.56
CA GLN A 24 3.52 -11.98 45.61
C GLN A 24 4.03 -11.32 44.37
N VAL A 25 4.36 -10.04 44.51
CA VAL A 25 4.88 -9.19 43.43
C VAL A 25 5.76 -9.98 42.46
N SER A 26 6.37 -11.04 42.96
CA SER A 26 7.21 -11.91 42.17
C SER A 26 6.50 -12.32 40.88
N ASP A 27 5.18 -12.34 40.92
CA ASP A 27 4.37 -12.74 39.78
C ASP A 27 3.39 -11.63 39.41
N VAL A 28 3.48 -10.49 40.08
CA VAL A 28 2.53 -9.43 39.80
C VAL A 28 3.13 -8.02 39.83
N GLY A 29 2.87 -7.25 38.80
CA GLY A 29 3.40 -5.89 38.73
C GLY A 29 2.36 -4.80 38.62
N THR A 30 2.80 -3.55 38.69
CA THR A 30 1.88 -2.42 38.58
C THR A 30 2.47 -1.43 37.60
N VAL A 31 1.63 -0.98 36.66
CA VAL A 31 2.06 -0.05 35.63
C VAL A 31 2.45 1.29 36.22
N ILE A 32 3.57 1.80 35.75
CA ILE A 32 4.13 3.08 36.16
C ILE A 32 3.90 4.12 35.07
N GLN A 33 4.10 3.69 33.83
CA GLN A 33 3.97 4.53 32.65
C GLN A 33 3.37 3.73 31.52
N VAL A 34 2.38 4.31 30.82
CA VAL A 34 1.70 3.68 29.68
C VAL A 34 1.81 4.75 28.64
N GLY A 35 2.16 4.40 27.40
CA GLY A 35 2.27 5.43 26.40
C GLY A 35 2.95 4.96 25.14
N ASP A 36 2.38 5.34 24.00
CA ASP A 36 2.92 4.99 22.69
C ASP A 36 3.26 3.51 22.61
N GLY A 37 2.32 2.69 23.10
CA GLY A 37 2.41 1.23 23.08
C GLY A 37 3.44 0.60 23.99
N ILE A 38 4.14 1.42 24.76
CA ILE A 38 5.14 0.92 25.66
C ILE A 38 4.66 1.17 27.07
N ALA A 39 5.18 0.41 28.02
CA ALA A 39 4.80 0.57 29.41
C ALA A 39 5.94 0.16 30.33
N ARG A 40 6.01 0.80 31.48
CA ARG A 40 7.01 0.44 32.44
C ARG A 40 6.19 0.14 33.67
N ALA A 41 6.49 -0.98 34.33
CA ALA A 41 5.75 -1.40 35.51
C ALA A 41 6.69 -1.73 36.64
N HIS A 42 6.24 -1.51 37.85
CA HIS A 42 7.05 -1.88 38.99
C HIS A 42 6.66 -3.34 39.27
N GLY A 43 7.48 -4.02 40.05
CA GLY A 43 7.18 -5.40 40.42
C GLY A 43 7.66 -6.43 39.47
N LEU A 44 6.82 -7.43 39.25
CA LEU A 44 7.10 -8.49 38.30
C LEU A 44 8.45 -9.10 38.54
N ASP A 45 8.84 -9.10 39.81
CA ASP A 45 10.11 -9.63 40.22
C ASP A 45 10.58 -10.95 39.63
N ASN A 46 9.66 -11.83 39.24
CA ASN A 46 10.09 -13.09 38.68
C ASN A 46 9.97 -13.26 37.19
N VAL A 47 9.59 -12.20 36.45
CA VAL A 47 9.48 -12.32 34.97
C VAL A 47 10.83 -12.62 34.31
N MET A 48 10.75 -13.39 33.23
CA MET A 48 11.91 -13.75 32.48
C MET A 48 11.89 -12.83 31.28
N SER A 49 13.03 -12.29 30.88
CA SER A 49 13.04 -11.43 29.71
C SER A 49 12.49 -12.27 28.54
N GLY A 50 11.56 -11.69 27.80
CA GLY A 50 10.98 -12.40 26.68
C GLY A 50 9.65 -13.00 27.05
N GLU A 51 9.28 -12.91 28.32
CA GLU A 51 8.03 -13.47 28.82
C GLU A 51 6.82 -12.64 28.44
N ALA A 52 5.77 -13.33 28.05
CA ALA A 52 4.53 -12.64 27.69
C ALA A 52 3.85 -12.32 29.04
N VAL A 53 3.62 -11.12 29.32
CA VAL A 53 2.89 -10.73 30.53
C VAL A 53 1.50 -10.27 30.06
N GLU A 54 0.54 -10.24 30.97
CA GLU A 54 -0.81 -9.84 30.60
C GLU A 54 -1.34 -8.72 31.46
N PHE A 55 -1.77 -7.66 30.80
CA PHE A 55 -2.32 -6.50 31.51
C PHE A 55 -3.70 -6.83 32.01
N ALA A 56 -4.15 -6.12 33.05
CA ALA A 56 -5.46 -6.37 33.62
C ALA A 56 -6.57 -6.37 32.57
N ASN A 57 -6.62 -5.34 31.73
CA ASN A 57 -7.66 -5.24 30.69
C ASN A 57 -7.64 -6.42 29.73
N ALA A 58 -6.63 -7.28 29.91
CA ALA A 58 -6.45 -8.49 29.11
C ALA A 58 -5.63 -8.35 27.83
N VAL A 59 -4.87 -7.28 27.71
CA VAL A 59 -4.05 -7.11 26.53
C VAL A 59 -2.75 -7.83 26.88
N MET A 60 -2.10 -8.43 25.90
CA MET A 60 -0.83 -9.09 26.16
C MET A 60 0.31 -8.07 26.02
N GLY A 61 1.47 -8.43 26.56
CA GLY A 61 2.64 -7.60 26.48
C GLY A 61 3.85 -8.49 26.67
N MET A 62 4.97 -8.17 26.05
CA MET A 62 6.18 -8.94 26.20
C MET A 62 7.19 -8.11 26.99
N ALA A 63 7.83 -8.71 27.99
CA ALA A 63 8.81 -7.98 28.79
C ALA A 63 10.18 -7.96 28.11
N LEU A 64 10.63 -6.81 27.63
CA LEU A 64 11.93 -6.70 26.95
C LEU A 64 13.10 -6.35 27.87
N ASN A 65 12.94 -5.26 28.60
CA ASN A 65 14.01 -4.79 29.45
C ASN A 65 13.86 -5.15 30.89
N LEU A 66 14.77 -5.92 31.42
CA LEU A 66 14.67 -6.24 32.83
C LEU A 66 15.57 -5.28 33.59
N GLU A 67 15.06 -4.10 33.92
CA GLU A 67 15.86 -3.13 34.64
C GLU A 67 15.74 -3.33 36.14
N GLU A 68 16.74 -2.84 36.88
CA GLU A 68 16.80 -3.00 38.32
C GLU A 68 15.60 -2.59 39.13
N ASN A 69 14.89 -1.56 38.71
CA ASN A 69 13.73 -1.11 39.47
C ASN A 69 12.45 -0.96 38.63
N ASN A 70 12.39 -1.67 37.51
CA ASN A 70 11.24 -1.61 36.60
C ASN A 70 11.41 -2.60 35.47
N VAL A 71 10.32 -2.87 34.75
CA VAL A 71 10.39 -3.79 33.64
C VAL A 71 9.85 -3.11 32.36
N GLY A 72 10.63 -3.20 31.28
CA GLY A 72 10.23 -2.62 30.01
C GLY A 72 9.32 -3.56 29.27
N ILE A 73 8.05 -3.20 29.18
CA ILE A 73 7.06 -4.01 28.52
C ILE A 73 6.60 -3.40 27.20
N VAL A 74 6.58 -4.20 26.15
CA VAL A 74 6.14 -3.76 24.83
C VAL A 74 4.75 -4.34 24.74
N ILE A 75 3.74 -3.47 24.60
CA ILE A 75 2.32 -3.89 24.54
C ILE A 75 1.92 -4.42 23.17
N LEU A 76 1.30 -5.58 23.13
CA LEU A 76 0.93 -6.19 21.86
C LEU A 76 -0.53 -5.99 21.45
N GLY A 77 -1.03 -4.76 21.56
CA GLY A 77 -2.39 -4.46 21.20
C GLY A 77 -2.76 -3.07 21.67
N PRO A 78 -4.04 -2.78 21.89
CA PRO A 78 -4.55 -1.48 22.34
C PRO A 78 -3.95 -1.00 23.65
N TYR A 79 -3.25 0.14 23.61
CA TYR A 79 -2.64 0.67 24.81
C TYR A 79 -3.42 1.79 25.48
N THR A 80 -4.66 2.02 25.07
CA THR A 80 -5.44 3.09 25.67
C THR A 80 -6.26 2.62 26.85
N GLY A 81 -6.48 1.31 26.94
CA GLY A 81 -7.24 0.75 28.05
C GLY A 81 -6.41 0.66 29.32
N ILE A 82 -5.10 0.78 29.14
CA ILE A 82 -4.13 0.72 30.24
C ILE A 82 -3.82 2.12 30.81
N LYS A 83 -3.79 2.20 32.13
CA LYS A 83 -3.47 3.43 32.85
C LYS A 83 -2.46 3.08 33.93
N GLU A 84 -1.83 4.09 34.51
CA GLU A 84 -0.86 3.86 35.58
C GLU A 84 -1.68 3.23 36.70
N GLY A 85 -1.12 2.22 37.37
CA GLY A 85 -1.87 1.57 38.41
C GLY A 85 -2.40 0.22 37.92
N ASP A 86 -2.77 0.13 36.65
CA ASP A 86 -3.23 -1.14 36.08
C ASP A 86 -2.30 -2.26 36.54
N GLU A 87 -2.87 -3.43 36.82
CA GLU A 87 -2.08 -4.56 37.27
C GLU A 87 -1.55 -5.26 36.07
N VAL A 88 -0.39 -5.89 36.21
CA VAL A 88 0.24 -6.64 35.14
C VAL A 88 0.62 -7.96 35.74
N ARG A 89 0.18 -9.04 35.13
CA ARG A 89 0.46 -10.35 35.68
C ARG A 89 1.35 -11.23 34.82
N ARG A 90 2.21 -12.02 35.47
CA ARG A 90 3.09 -12.93 34.78
C ARG A 90 2.27 -14.08 34.20
N THR A 91 2.70 -14.64 33.07
CA THR A 91 2.00 -15.79 32.49
C THR A 91 2.93 -17.00 32.62
N GLY A 92 4.23 -16.75 32.58
CA GLY A 92 5.18 -17.82 32.73
C GLY A 92 5.47 -18.48 31.42
N ARG A 93 5.26 -17.79 30.32
CA ARG A 93 5.55 -18.38 29.00
C ARG A 93 6.39 -17.42 28.17
N ILE A 94 7.53 -17.88 27.67
CA ILE A 94 8.36 -17.03 26.81
C ILE A 94 7.44 -16.79 25.62
N MET A 95 7.54 -15.61 25.02
CA MET A 95 6.69 -15.25 23.89
C MET A 95 6.58 -16.43 22.94
N GLU A 96 5.37 -16.93 22.78
CA GLU A 96 5.12 -18.05 21.92
C GLU A 96 3.87 -17.80 21.11
N VAL A 97 3.58 -18.71 20.20
CA VAL A 97 2.40 -18.60 19.34
C VAL A 97 1.80 -19.98 19.08
N PRO A 98 0.47 -20.07 18.97
CA PRO A 98 -0.19 -21.34 18.72
C PRO A 98 0.27 -21.84 17.37
N VAL A 99 0.65 -23.10 17.33
CA VAL A 99 1.11 -23.69 16.08
C VAL A 99 0.30 -24.97 15.83
N GLY A 100 0.05 -25.30 14.56
CA GLY A 100 -0.71 -26.51 14.27
C GLY A 100 -1.32 -26.55 12.88
N GLU A 101 -2.17 -27.54 12.64
CA GLU A 101 -2.80 -27.68 11.34
C GLU A 101 -4.03 -26.79 11.25
N THR A 102 -4.66 -26.55 12.39
CA THR A 102 -5.87 -25.73 12.46
C THR A 102 -5.72 -24.32 11.92
N LEU A 103 -4.48 -23.88 11.79
CA LEU A 103 -4.20 -22.56 11.29
C LEU A 103 -4.48 -22.49 9.79
N ILE A 104 -4.30 -23.62 9.08
CA ILE A 104 -4.51 -23.62 7.62
C ILE A 104 -5.88 -23.03 7.24
N GLY A 105 -5.89 -22.13 6.27
CA GLY A 105 -7.13 -21.51 5.84
C GLY A 105 -7.66 -20.46 6.79
N ARG A 106 -6.88 -20.12 7.81
CA ARG A 106 -7.28 -19.11 8.77
C ARG A 106 -6.45 -17.83 8.61
N VAL A 107 -7.07 -16.69 8.94
CA VAL A 107 -6.41 -15.40 8.89
C VAL A 107 -6.31 -14.99 10.35
N VAL A 108 -5.08 -14.96 10.85
CA VAL A 108 -4.79 -14.63 12.26
C VAL A 108 -3.80 -13.48 12.45
N ASN A 109 -3.90 -12.78 13.58
CA ASN A 109 -2.95 -11.70 13.85
C ASN A 109 -1.64 -12.34 14.33
N PRO A 110 -0.54 -11.58 14.45
CA PRO A 110 0.71 -12.23 14.89
C PRO A 110 0.65 -13.12 16.15
N LEU A 111 -0.33 -12.91 17.01
CA LEU A 111 -0.48 -13.70 18.21
C LEU A 111 -1.31 -14.96 18.02
N GLY A 112 -1.54 -15.37 16.78
CA GLY A 112 -2.33 -16.57 16.55
C GLY A 112 -3.81 -16.42 16.90
N GLN A 113 -4.28 -15.20 17.17
CA GLN A 113 -5.68 -14.97 17.45
C GLN A 113 -6.32 -14.77 16.07
N PRO A 114 -7.35 -15.57 15.71
CA PRO A 114 -7.98 -15.44 14.39
C PRO A 114 -8.65 -14.12 14.29
N VAL A 115 -8.66 -13.57 13.08
CA VAL A 115 -9.22 -12.25 12.80
C VAL A 115 -10.18 -12.28 11.59
N ASP A 116 -10.30 -13.45 10.97
CA ASP A 116 -11.19 -13.64 9.82
C ASP A 116 -12.62 -13.84 10.31
N GLY A 117 -12.75 -14.18 11.59
CA GLY A 117 -14.07 -14.36 12.17
C GLY A 117 -14.70 -15.73 11.95
N LEU A 118 -13.92 -16.77 11.65
CA LEU A 118 -14.49 -18.10 11.47
C LEU A 118 -14.41 -18.91 12.73
N GLY A 119 -14.34 -18.24 13.89
CA GLY A 119 -14.28 -18.95 15.16
C GLY A 119 -12.88 -19.24 15.67
N PRO A 120 -12.78 -19.77 16.90
CA PRO A 120 -11.50 -20.10 17.52
C PRO A 120 -10.64 -21.07 16.76
N VAL A 121 -9.34 -20.96 16.99
CA VAL A 121 -8.35 -21.83 16.40
C VAL A 121 -8.09 -22.87 17.48
N GLU A 122 -8.53 -24.09 17.21
CA GLU A 122 -8.37 -25.18 18.16
C GLU A 122 -6.99 -25.81 18.00
N THR A 123 -5.98 -25.21 18.61
CA THR A 123 -4.62 -25.70 18.54
C THR A 123 -4.23 -26.30 19.89
N THR A 124 -3.35 -27.31 19.85
CA THR A 124 -2.88 -28.00 21.06
C THR A 124 -1.39 -27.72 21.34
N GLU A 125 -0.56 -27.76 20.30
CA GLU A 125 0.85 -27.49 20.47
C GLU A 125 1.17 -26.01 20.30
N THR A 126 2.29 -25.59 20.87
CA THR A 126 2.72 -24.20 20.79
C THR A 126 4.24 -24.12 20.56
N ARG A 127 4.69 -23.03 19.96
CA ARG A 127 6.11 -22.85 19.68
C ARG A 127 6.55 -21.42 20.05
N PRO A 128 7.76 -21.24 20.57
CA PRO A 128 8.30 -19.94 20.95
C PRO A 128 8.68 -19.14 19.72
N ILE A 129 8.36 -17.84 19.76
CA ILE A 129 8.61 -16.88 18.67
C ILE A 129 10.06 -16.81 18.23
N GLU A 130 10.95 -16.53 19.17
CA GLU A 130 12.36 -16.47 18.89
C GLU A 130 12.93 -17.84 19.20
N SER A 131 13.48 -18.47 18.17
CA SER A 131 14.05 -19.79 18.30
C SER A 131 15.38 -19.88 17.56
N ARG A 132 16.19 -20.87 17.89
CA ARG A 132 17.49 -21.06 17.22
C ARG A 132 17.31 -21.58 15.80
N ALA A 133 18.17 -21.11 14.89
CA ALA A 133 18.11 -21.54 13.50
C ALA A 133 18.93 -22.80 13.30
N PRO A 134 18.54 -23.62 12.29
CA PRO A 134 19.26 -24.86 12.00
C PRO A 134 20.77 -24.67 11.92
N GLY A 135 21.47 -25.59 12.55
CA GLY A 135 22.91 -25.53 12.55
C GLY A 135 23.61 -25.71 11.23
N VAL A 136 24.93 -25.69 11.26
CA VAL A 136 25.75 -25.85 10.08
C VAL A 136 25.62 -27.28 9.63
N MET A 137 25.50 -28.19 10.60
CA MET A 137 25.39 -29.62 10.32
C MET A 137 23.92 -30.04 10.14
N ASP A 138 23.00 -29.25 10.70
CA ASP A 138 21.57 -29.56 10.62
C ASP A 138 21.07 -29.38 9.20
N ARG A 139 21.94 -28.98 8.30
CA ARG A 139 21.47 -28.72 6.95
C ARG A 139 21.99 -29.59 5.81
N ARG A 140 21.39 -29.39 4.64
CA ARG A 140 21.73 -30.08 3.41
C ARG A 140 21.46 -29.12 2.25
N SER A 141 22.30 -29.20 1.23
CA SER A 141 22.17 -28.34 0.08
C SER A 141 20.80 -28.48 -0.56
N VAL A 142 20.26 -27.36 -1.06
CA VAL A 142 18.96 -27.36 -1.72
C VAL A 142 19.13 -27.94 -3.13
N HIS A 143 18.16 -28.73 -3.56
CA HIS A 143 18.22 -29.32 -4.88
C HIS A 143 16.82 -29.39 -5.44
N GLU A 144 15.83 -29.72 -4.60
CA GLU A 144 14.46 -29.76 -5.08
C GLU A 144 14.14 -28.32 -5.42
N PRO A 145 13.59 -28.07 -6.61
CA PRO A 145 13.29 -26.67 -6.90
C PRO A 145 11.99 -26.32 -6.22
N LEU A 146 11.46 -25.15 -6.57
CA LEU A 146 10.20 -24.69 -6.07
C LEU A 146 9.65 -24.04 -7.34
N GLN A 147 8.58 -24.62 -7.88
CA GLN A 147 7.97 -24.13 -9.12
C GLN A 147 7.05 -22.95 -8.85
N THR A 148 7.54 -21.77 -9.22
CA THR A 148 6.82 -20.54 -9.04
C THR A 148 5.71 -20.39 -10.09
N GLY A 149 5.81 -21.15 -11.18
CA GLY A 149 4.82 -21.10 -12.23
C GLY A 149 4.83 -19.79 -13.01
N ILE A 150 5.72 -18.91 -12.60
CA ILE A 150 5.84 -17.64 -13.25
C ILE A 150 7.04 -17.81 -14.16
N LYS A 151 6.75 -18.05 -15.43
CA LYS A 151 7.75 -18.27 -16.46
C LYS A 151 9.13 -17.62 -16.28
N ALA A 152 9.18 -16.29 -16.36
CA ALA A 152 10.44 -15.56 -16.23
C ALA A 152 11.30 -15.98 -15.03
N ILE A 153 10.66 -16.34 -13.92
CA ILE A 153 11.36 -16.72 -12.69
C ILE A 153 11.87 -18.17 -12.64
N ASP A 154 11.04 -19.15 -13.00
CA ASP A 154 11.46 -20.56 -12.98
C ASP A 154 12.61 -20.89 -13.92
N ALA A 155 12.70 -20.16 -15.02
CA ALA A 155 13.75 -20.40 -16.00
C ALA A 155 14.99 -19.57 -15.74
N LEU A 156 14.78 -18.29 -15.50
CA LEU A 156 15.89 -17.38 -15.28
C LEU A 156 16.33 -17.18 -13.82
N VAL A 157 15.38 -17.24 -12.88
CA VAL A 157 15.72 -17.04 -11.47
C VAL A 157 15.24 -18.17 -10.54
N PRO A 158 15.64 -19.42 -10.83
CA PRO A 158 15.24 -20.57 -10.01
C PRO A 158 15.34 -20.42 -8.49
N ILE A 159 14.35 -20.97 -7.79
CA ILE A 159 14.27 -20.97 -6.34
C ILE A 159 14.21 -22.44 -5.88
N GLY A 160 15.09 -22.83 -4.95
CA GLY A 160 15.09 -24.21 -4.46
C GLY A 160 14.52 -24.26 -3.07
N ARG A 161 13.91 -25.37 -2.71
CA ARG A 161 13.31 -25.53 -1.38
C ARG A 161 14.34 -25.40 -0.27
N GLY A 162 14.18 -24.35 0.52
CA GLY A 162 15.10 -24.07 1.62
C GLY A 162 15.91 -22.82 1.29
N GLN A 163 15.57 -22.14 0.21
CA GLN A 163 16.27 -20.95 -0.19
C GLN A 163 15.54 -19.70 0.27
N ARG A 164 16.25 -18.58 0.28
CA ARG A 164 15.69 -17.29 0.66
C ARG A 164 15.98 -16.41 -0.55
N GLU A 165 14.94 -16.12 -1.31
CA GLU A 165 15.09 -15.32 -2.51
C GLU A 165 14.40 -13.99 -2.25
N LEU A 166 15.19 -12.95 -2.09
CA LEU A 166 14.63 -11.63 -1.85
C LEU A 166 13.96 -11.10 -3.12
N ILE A 167 12.74 -10.60 -3.01
CA ILE A 167 12.11 -9.98 -4.16
C ILE A 167 11.97 -8.53 -3.72
N ILE A 168 12.69 -7.65 -4.43
CA ILE A 168 12.75 -6.24 -4.12
C ILE A 168 12.32 -5.31 -5.27
N GLY A 169 11.65 -4.22 -4.93
CA GLY A 169 11.21 -3.29 -5.94
C GLY A 169 10.37 -2.18 -5.34
N ASP A 170 10.01 -1.22 -6.17
CA ASP A 170 9.21 -0.05 -5.77
C ASP A 170 7.78 -0.45 -5.54
N ARG A 171 7.03 0.42 -4.88
CA ARG A 171 5.60 0.21 -4.63
C ARG A 171 4.86 0.16 -5.96
N GLN A 172 4.02 -0.85 -6.12
CA GLN A 172 3.24 -1.02 -7.34
C GLN A 172 4.05 -1.65 -8.50
N THR A 173 4.98 -2.53 -8.15
CA THR A 173 5.81 -3.22 -9.15
C THR A 173 5.34 -4.65 -9.28
N GLY A 174 4.32 -4.99 -8.50
CA GLY A 174 3.76 -6.32 -8.55
C GLY A 174 4.45 -7.37 -7.70
N LYS A 175 5.05 -6.93 -6.60
CA LYS A 175 5.71 -7.84 -5.71
C LYS A 175 4.71 -8.75 -5.04
N THR A 176 3.60 -8.22 -4.54
CA THR A 176 2.62 -9.07 -3.86
C THR A 176 2.07 -10.12 -4.80
N SER A 177 1.69 -9.70 -6.01
CA SER A 177 1.14 -10.64 -6.96
C SER A 177 2.06 -11.83 -7.21
N VAL A 178 3.35 -11.59 -7.46
CA VAL A 178 4.25 -12.71 -7.69
C VAL A 178 4.15 -13.78 -6.60
N ALA A 179 4.18 -13.37 -5.33
CA ALA A 179 4.06 -14.32 -4.25
C ALA A 179 2.68 -14.95 -4.28
N ILE A 180 1.68 -14.20 -4.75
CA ILE A 180 0.32 -14.76 -4.84
C ILE A 180 0.28 -15.90 -5.83
N ASP A 181 0.63 -15.63 -7.08
CA ASP A 181 0.63 -16.65 -8.12
C ASP A 181 1.44 -17.83 -7.63
N THR A 182 2.64 -17.56 -7.12
CA THR A 182 3.52 -18.60 -6.57
C THR A 182 2.78 -19.47 -5.56
N ILE A 183 2.01 -18.84 -4.67
CA ILE A 183 1.25 -19.62 -3.70
C ILE A 183 0.16 -20.46 -4.38
N ILE A 184 -0.53 -19.86 -5.35
CA ILE A 184 -1.59 -20.53 -6.09
C ILE A 184 -1.02 -21.79 -6.75
N ASN A 185 0.17 -21.65 -7.33
CA ASN A 185 0.84 -22.74 -8.01
C ASN A 185 1.40 -23.83 -7.07
N GLN A 186 0.95 -23.82 -5.82
CA GLN A 186 1.42 -24.80 -4.84
C GLN A 186 0.34 -25.82 -4.48
N LYS A 187 -0.57 -26.10 -5.41
CA LYS A 187 -1.61 -27.07 -5.11
C LYS A 187 -1.10 -28.46 -5.49
N ASP A 188 -0.31 -28.52 -6.56
CA ASP A 188 0.25 -29.79 -7.02
C ASP A 188 1.27 -30.28 -6.00
N GLN A 189 2.29 -29.45 -5.80
CA GLN A 189 3.37 -29.73 -4.86
C GLN A 189 2.89 -29.78 -3.43
N ASN A 190 3.71 -30.35 -2.56
CA ASN A 190 3.36 -30.44 -1.16
C ASN A 190 4.00 -29.26 -0.44
N MET A 191 3.30 -28.13 -0.46
CA MET A 191 3.77 -26.90 0.15
C MET A 191 2.70 -26.36 1.08
N ILE A 192 3.13 -25.83 2.23
CA ILE A 192 2.19 -25.19 3.17
C ILE A 192 2.56 -23.73 3.15
N CYS A 193 1.92 -22.98 2.28
CA CYS A 193 2.21 -21.59 2.17
C CYS A 193 1.78 -20.79 3.40
N ILE A 194 2.54 -19.73 3.67
CA ILE A 194 2.30 -18.80 4.78
C ILE A 194 2.53 -17.38 4.29
N TYR A 195 1.51 -16.55 4.38
CA TYR A 195 1.65 -15.19 3.92
C TYR A 195 1.62 -14.24 5.10
N VAL A 196 2.72 -13.52 5.31
CA VAL A 196 2.81 -12.57 6.40
C VAL A 196 2.97 -11.16 5.87
N ALA A 197 1.88 -10.42 5.84
CA ALA A 197 1.88 -9.06 5.35
C ALA A 197 2.16 -8.13 6.52
N ILE A 198 3.35 -7.54 6.60
CA ILE A 198 3.67 -6.64 7.70
C ILE A 198 3.47 -5.21 7.23
N GLY A 199 2.72 -4.39 7.95
CA GLY A 199 2.52 -3.01 7.55
C GLY A 199 1.64 -2.73 6.37
N GLN A 200 1.10 -3.77 5.77
CA GLN A 200 0.20 -3.65 4.64
C GLN A 200 -1.15 -3.05 5.10
N LYS A 201 -2.03 -2.79 4.13
CA LYS A 201 -3.36 -2.25 4.37
C LYS A 201 -4.33 -3.43 4.46
N GLU A 202 -5.08 -3.49 5.55
CA GLU A 202 -6.07 -4.54 5.80
C GLU A 202 -6.90 -4.75 4.56
N SER A 203 -7.27 -3.67 3.90
CA SER A 203 -8.05 -3.72 2.66
C SER A 203 -7.34 -4.65 1.66
N THR A 204 -6.11 -4.32 1.33
CA THR A 204 -5.33 -5.15 0.44
C THR A 204 -5.22 -6.58 0.98
N VAL A 205 -4.98 -6.73 2.26
CA VAL A 205 -4.92 -8.06 2.84
C VAL A 205 -6.22 -8.82 2.52
N ALA A 206 -7.38 -8.22 2.84
CA ALA A 206 -8.70 -8.83 2.58
C ALA A 206 -8.83 -9.29 1.14
N THR A 207 -8.58 -8.40 0.19
CA THR A 207 -8.68 -8.75 -1.23
C THR A 207 -7.70 -9.87 -1.58
N VAL A 208 -6.50 -9.86 -1.03
CA VAL A 208 -5.54 -10.94 -1.30
C VAL A 208 -6.11 -12.25 -0.78
N VAL A 209 -6.45 -12.31 0.51
CA VAL A 209 -7.01 -13.54 1.08
C VAL A 209 -8.26 -13.97 0.35
N GLU A 210 -8.94 -13.04 -0.30
CA GLU A 210 -10.13 -13.39 -1.07
C GLU A 210 -9.78 -13.98 -2.43
N THR A 211 -8.75 -13.47 -3.10
CA THR A 211 -8.39 -14.10 -4.36
C THR A 211 -7.73 -15.45 -4.12
N LEU A 212 -7.15 -15.63 -2.94
CA LEU A 212 -6.54 -16.90 -2.61
C LEU A 212 -7.68 -17.91 -2.51
N ALA A 213 -8.74 -17.59 -1.74
CA ALA A 213 -9.89 -18.48 -1.57
C ALA A 213 -10.44 -18.92 -2.91
N LYS A 214 -10.55 -17.98 -3.85
CA LYS A 214 -11.05 -18.26 -5.18
C LYS A 214 -10.25 -19.37 -5.85
N HIS A 215 -8.93 -19.23 -5.83
CA HIS A 215 -8.09 -20.22 -6.46
C HIS A 215 -7.85 -21.48 -5.64
N GLY A 216 -8.68 -21.66 -4.62
CA GLY A 216 -8.57 -22.83 -3.76
C GLY A 216 -7.19 -23.00 -3.18
N ALA A 217 -6.72 -21.94 -2.51
CA ALA A 217 -5.40 -21.90 -1.90
C ALA A 217 -5.38 -21.93 -0.39
N PRO A 218 -6.41 -21.35 0.30
CA PRO A 218 -6.36 -21.41 1.76
C PRO A 218 -6.49 -22.84 2.29
N ASP A 219 -6.50 -23.79 1.37
CA ASP A 219 -6.56 -25.19 1.76
C ASP A 219 -5.16 -25.58 2.22
N TYR A 220 -4.15 -24.81 1.81
CA TYR A 220 -2.77 -25.05 2.19
C TYR A 220 -2.05 -23.78 2.63
N THR A 221 -2.79 -22.71 2.91
CA THR A 221 -2.13 -21.46 3.30
C THR A 221 -2.63 -20.90 4.62
N ILE A 222 -1.74 -20.28 5.40
CA ILE A 222 -2.12 -19.65 6.67
C ILE A 222 -1.83 -18.19 6.39
N VAL A 223 -2.56 -17.26 6.99
CA VAL A 223 -2.25 -15.86 6.75
C VAL A 223 -2.14 -15.05 8.05
N VAL A 224 -0.91 -14.63 8.38
CA VAL A 224 -0.66 -13.84 9.59
C VAL A 224 -0.74 -12.38 9.16
N THR A 225 -1.50 -11.57 9.90
CA THR A 225 -1.69 -10.18 9.50
C THR A 225 -1.30 -9.11 10.54
N ALA A 226 -0.54 -8.12 10.10
CA ALA A 226 -0.13 -7.01 10.95
C ALA A 226 -0.29 -5.70 10.16
N SER A 227 -1.55 -5.28 9.96
CA SER A 227 -1.93 -4.05 9.22
C SER A 227 -1.37 -2.72 9.72
N ALA A 228 -1.25 -1.80 8.77
CA ALA A 228 -0.73 -0.48 8.98
C ALA A 228 -1.19 0.21 10.25
N SER A 229 -2.40 -0.11 10.67
CA SER A 229 -3.02 0.51 11.84
C SER A 229 -2.54 0.02 13.21
N GLN A 230 -2.17 -1.26 13.29
CA GLN A 230 -1.71 -1.88 14.52
C GLN A 230 -0.40 -1.30 15.03
N PRO A 231 -0.21 -1.31 16.36
CA PRO A 231 0.99 -0.78 16.99
C PRO A 231 2.27 -1.51 16.56
N ALA A 232 3.37 -0.77 16.42
CA ALA A 232 4.67 -1.28 15.99
C ALA A 232 5.02 -2.68 16.49
N PRO A 233 4.82 -2.94 17.78
CA PRO A 233 5.13 -4.24 18.36
C PRO A 233 4.61 -5.42 17.53
N LEU A 234 3.35 -5.33 17.10
CA LEU A 234 2.80 -6.41 16.30
C LEU A 234 3.58 -6.52 14.98
N LEU A 235 3.87 -5.41 14.30
CA LEU A 235 4.59 -5.51 13.04
C LEU A 235 5.96 -6.07 13.27
N PHE A 236 6.57 -5.67 14.38
CA PHE A 236 7.89 -6.15 14.71
C PHE A 236 7.87 -7.66 14.85
N LEU A 237 6.81 -8.20 15.48
CA LEU A 237 6.68 -9.62 15.70
C LEU A 237 6.21 -10.49 14.56
N ALA A 238 5.30 -9.97 13.76
CA ALA A 238 4.76 -10.71 12.63
C ALA A 238 5.69 -11.68 11.86
N PRO A 239 6.89 -11.25 11.46
CA PRO A 239 7.71 -12.23 10.73
C PRO A 239 8.05 -13.45 11.60
N TYR A 240 8.38 -13.19 12.84
CA TYR A 240 8.77 -14.27 13.70
C TYR A 240 7.62 -15.25 13.98
N ALA A 241 6.41 -14.72 14.23
CA ALA A 241 5.26 -15.60 14.49
C ALA A 241 5.03 -16.44 13.24
N GLY A 242 5.34 -15.84 12.09
CA GLY A 242 5.19 -16.50 10.81
C GLY A 242 6.13 -17.66 10.72
N VAL A 243 7.44 -17.42 10.84
CA VAL A 243 8.39 -18.54 10.77
C VAL A 243 8.09 -19.66 11.75
N ALA A 244 7.63 -19.30 12.96
CA ALA A 244 7.29 -20.29 14.00
C ALA A 244 6.31 -21.31 13.43
N MET A 245 5.11 -20.83 13.12
CA MET A 245 4.05 -21.65 12.55
C MET A 245 4.58 -22.51 11.43
N GLY A 246 5.44 -21.94 10.60
CA GLY A 246 6.01 -22.66 9.49
C GLY A 246 7.07 -23.65 9.93
N GLU A 247 7.77 -23.33 11.01
CA GLU A 247 8.83 -24.20 11.50
C GLU A 247 8.25 -25.52 11.92
N TYR A 248 7.03 -25.47 12.40
CA TYR A 248 6.31 -26.66 12.83
C TYR A 248 6.39 -27.69 11.72
N PHE A 249 5.70 -27.45 10.61
CA PHE A 249 5.70 -28.38 9.48
C PHE A 249 7.11 -28.70 8.99
N MET A 250 7.96 -27.68 8.86
CA MET A 250 9.32 -27.87 8.36
C MET A 250 10.16 -28.84 9.19
N ILE A 251 10.19 -28.58 10.49
CA ILE A 251 10.99 -29.38 11.40
C ILE A 251 10.23 -30.66 11.72
N MET A 252 9.27 -31.01 10.85
CA MET A 252 8.46 -32.21 11.04
C MET A 252 8.18 -32.93 9.71
N GLY A 253 9.16 -32.90 8.83
CA GLY A 253 9.01 -33.57 7.55
C GLY A 253 8.32 -32.80 6.43
N LYS A 254 7.47 -31.84 6.76
CA LYS A 254 6.77 -31.08 5.74
C LYS A 254 7.55 -29.92 5.10
N HIS A 255 7.06 -29.44 3.97
CA HIS A 255 7.69 -28.35 3.24
C HIS A 255 6.86 -27.09 3.33
N VAL A 256 7.50 -26.01 3.72
CA VAL A 256 6.86 -24.73 3.94
C VAL A 256 7.48 -23.58 3.13
N LEU A 257 6.63 -22.69 2.62
CA LEU A 257 7.11 -21.49 1.90
C LEU A 257 6.57 -20.32 2.75
N VAL A 258 7.44 -19.37 3.07
CA VAL A 258 7.02 -18.24 3.89
C VAL A 258 7.31 -16.95 3.13
N VAL A 259 6.26 -16.15 2.96
CA VAL A 259 6.40 -14.87 2.26
C VAL A 259 6.11 -13.75 3.28
N ILE A 260 7.01 -12.81 3.35
CA ILE A 260 6.91 -11.69 4.26
C ILE A 260 6.66 -10.42 3.42
N ASP A 261 5.40 -10.10 3.26
CA ASP A 261 5.02 -8.89 2.54
C ASP A 261 5.41 -7.72 3.39
N ASP A 262 6.69 -7.36 3.17
CA ASP A 262 7.40 -6.23 3.75
C ASP A 262 8.26 -6.28 5.00
N LEU A 263 9.55 -6.35 4.74
CA LEU A 263 10.55 -6.37 5.80
C LEU A 263 10.99 -4.91 6.09
N SER A 264 10.68 -3.99 5.17
CA SER A 264 11.01 -2.60 5.35
C SER A 264 10.08 -2.06 6.45
N LYS A 265 8.81 -2.47 6.37
CA LYS A 265 7.83 -2.04 7.32
C LYS A 265 8.11 -2.58 8.68
N GLN A 266 8.75 -3.76 8.75
CA GLN A 266 9.08 -4.35 10.04
C GLN A 266 10.26 -3.60 10.60
N ALA A 267 11.26 -3.41 9.76
CA ALA A 267 12.45 -2.68 10.14
C ALA A 267 12.00 -1.37 10.73
N ALA A 268 11.20 -0.63 9.97
CA ALA A 268 10.67 0.64 10.43
C ALA A 268 9.91 0.54 11.76
N ALA A 269 9.05 -0.46 11.91
CA ALA A 269 8.32 -0.63 13.16
C ALA A 269 9.34 -0.83 14.25
N TYR A 270 10.40 -1.61 13.97
CA TYR A 270 11.48 -1.88 14.94
C TYR A 270 12.13 -0.58 15.36
N ARG A 271 12.54 0.21 14.36
CA ARG A 271 13.16 1.50 14.60
C ARG A 271 12.29 2.31 15.56
N GLN A 272 11.00 2.42 15.26
CA GLN A 272 10.06 3.15 16.08
C GLN A 272 10.13 2.65 17.53
N LEU A 273 9.83 1.37 17.73
CA LEU A 273 9.85 0.74 19.07
C LEU A 273 11.19 0.97 19.80
N SER A 274 12.27 0.96 19.02
CA SER A 274 13.60 1.16 19.54
C SER A 274 13.75 2.55 20.21
N LEU A 275 13.67 3.61 19.40
CA LEU A 275 13.76 5.00 19.85
C LEU A 275 12.76 5.26 20.97
N LEU A 276 11.63 4.56 20.94
CA LEU A 276 10.61 4.73 21.96
C LEU A 276 11.18 4.29 23.30
N LEU A 277 12.05 3.29 23.27
CA LEU A 277 12.70 2.76 24.47
C LEU A 277 13.98 3.56 24.74
N ARG A 278 14.26 4.50 23.84
CA ARG A 278 15.44 5.36 23.89
C ARG A 278 16.73 4.59 23.75
N ARG A 279 16.68 3.53 22.94
CA ARG A 279 17.89 2.78 22.71
C ARG A 279 18.62 3.67 21.72
N PRO A 280 19.89 3.95 21.98
CA PRO A 280 20.65 4.82 21.08
C PRO A 280 20.56 4.36 19.65
N PRO A 281 20.26 5.26 18.73
CA PRO A 281 20.16 4.85 17.35
C PRO A 281 21.54 4.55 16.80
N GLY A 282 21.55 4.08 15.56
CA GLY A 282 22.78 3.77 14.87
C GLY A 282 22.58 4.51 13.57
N ARG A 283 23.12 4.00 12.48
CA ARG A 283 22.96 4.68 11.20
C ARG A 283 21.48 4.83 10.79
N GLU A 284 21.17 5.99 10.20
CA GLU A 284 19.83 6.31 9.69
C GLU A 284 18.70 6.08 10.69
N ALA A 285 18.97 6.37 11.97
CA ALA A 285 18.03 6.21 13.07
C ALA A 285 17.82 4.76 13.43
N TYR A 286 18.23 3.90 12.49
CA TYR A 286 18.11 2.47 12.66
C TYR A 286 19.06 1.94 13.74
N PRO A 287 18.53 1.20 14.73
CA PRO A 287 19.31 0.65 15.82
C PRO A 287 20.56 -0.07 15.30
N GLY A 288 21.46 -0.36 16.23
CA GLY A 288 22.68 -1.09 15.91
C GLY A 288 22.34 -2.52 15.52
N ASP A 289 21.26 -3.08 16.07
CA ASP A 289 20.91 -4.45 15.70
C ASP A 289 19.86 -4.60 14.60
N ILE A 290 19.78 -3.65 13.68
CA ILE A 290 18.80 -3.73 12.60
C ILE A 290 19.08 -4.92 11.61
N PHE A 291 20.35 -5.15 11.30
CA PHE A 291 20.75 -6.23 10.40
C PHE A 291 20.39 -7.53 11.11
N TYR A 292 20.96 -7.77 12.28
CA TYR A 292 20.70 -8.99 13.05
C TYR A 292 19.22 -9.25 13.19
N LEU A 293 18.42 -8.18 13.14
CA LEU A 293 16.98 -8.26 13.23
C LEU A 293 16.49 -9.12 12.10
N HIS A 294 17.00 -8.87 10.90
CA HIS A 294 16.61 -9.64 9.75
C HIS A 294 17.37 -10.92 9.58
N SER A 295 18.69 -10.85 9.72
CA SER A 295 19.52 -12.06 9.59
C SER A 295 18.99 -13.21 10.43
N ARG A 296 18.90 -13.01 11.74
CA ARG A 296 18.43 -14.08 12.57
C ARG A 296 17.10 -14.59 12.08
N LEU A 297 16.34 -13.72 11.44
CA LEU A 297 15.03 -14.09 10.91
C LEU A 297 15.17 -15.00 9.70
N LEU A 298 15.94 -14.61 8.70
CA LEU A 298 16.05 -15.45 7.54
C LEU A 298 17.01 -16.62 7.67
N GLU A 299 17.73 -16.76 8.78
CA GLU A 299 18.64 -17.91 8.94
C GLU A 299 17.80 -19.14 9.24
N ARG A 300 16.56 -18.91 9.70
CA ARG A 300 15.62 -20.00 10.01
C ARG A 300 15.05 -20.67 8.76
N ALA A 301 15.19 -20.04 7.61
CA ALA A 301 14.71 -20.65 6.38
C ALA A 301 15.90 -21.53 6.05
N ALA A 302 15.70 -22.84 6.05
CA ALA A 302 16.76 -23.79 5.76
C ALA A 302 16.28 -24.97 4.95
N LYS A 303 17.21 -25.90 4.73
CA LYS A 303 16.93 -27.15 4.05
C LYS A 303 17.55 -28.19 4.98
N LEU A 304 16.68 -28.77 5.81
CA LEU A 304 17.08 -29.76 6.77
C LEU A 304 17.63 -31.03 6.17
N SER A 305 18.59 -31.59 6.88
CA SER A 305 19.27 -32.80 6.50
C SER A 305 18.30 -33.97 6.49
N ASP A 306 18.60 -34.96 5.65
CA ASP A 306 17.77 -36.16 5.57
C ASP A 306 17.79 -36.75 6.97
N ALA A 307 18.91 -36.57 7.67
CA ALA A 307 19.04 -37.07 9.03
C ALA A 307 17.99 -36.44 9.93
N LYS A 308 17.49 -35.27 9.54
CA LYS A 308 16.46 -34.60 10.34
C LYS A 308 15.13 -34.59 9.59
N GLY A 309 15.06 -35.45 8.56
CA GLY A 309 13.86 -35.56 7.76
C GLY A 309 13.69 -34.39 6.82
N GLY A 310 14.75 -34.09 6.06
CA GLY A 310 14.76 -33.00 5.09
C GLY A 310 13.57 -32.06 4.88
N GLY A 311 13.05 -31.46 5.96
CA GLY A 311 11.94 -30.55 5.82
C GLY A 311 12.51 -29.33 5.14
N SER A 312 11.68 -28.43 4.63
CA SER A 312 12.25 -27.24 4.00
C SER A 312 11.37 -26.01 4.15
N LEU A 313 11.94 -24.92 4.68
CA LEU A 313 11.19 -23.69 4.80
C LEU A 313 11.80 -22.66 3.85
N THR A 314 11.15 -22.40 2.72
CA THR A 314 11.66 -21.42 1.76
C THR A 314 11.23 -20.03 2.24
N ALA A 315 11.99 -19.00 1.90
CA ALA A 315 11.62 -17.67 2.31
C ALA A 315 11.67 -16.67 1.20
N LEU A 316 10.62 -15.88 1.12
CA LEU A 316 10.50 -14.85 0.10
C LEU A 316 10.34 -13.47 0.78
N PRO A 317 11.48 -12.81 1.13
CA PRO A 317 11.43 -11.50 1.77
C PRO A 317 11.11 -10.38 0.79
N PHE A 318 10.18 -9.52 1.17
CA PHE A 318 9.85 -8.36 0.34
C PHE A 318 10.58 -7.12 0.90
N VAL A 319 11.11 -6.34 -0.01
CA VAL A 319 11.74 -5.08 0.36
C VAL A 319 11.28 -4.03 -0.64
N GLU A 320 10.59 -3.03 -0.11
CA GLU A 320 10.06 -1.95 -0.90
C GLU A 320 11.14 -0.90 -1.07
N THR A 321 11.51 -0.59 -2.30
CA THR A 321 12.53 0.42 -2.57
C THR A 321 11.93 1.78 -2.96
N GLN A 322 12.36 2.83 -2.26
CA GLN A 322 11.90 4.18 -2.59
C GLN A 322 12.73 4.55 -3.80
N ALA A 323 12.07 5.02 -4.87
CA ALA A 323 12.75 5.44 -6.09
C ALA A 323 13.71 4.43 -6.70
N GLY A 324 13.48 3.14 -6.45
CA GLY A 324 14.36 2.12 -7.02
C GLY A 324 15.79 2.12 -6.50
N ASP A 325 16.02 2.79 -5.37
CA ASP A 325 17.36 2.84 -4.81
C ASP A 325 17.69 1.55 -4.05
N ILE A 326 18.35 0.63 -4.76
CA ILE A 326 18.79 -0.62 -4.19
C ILE A 326 19.80 -0.29 -3.08
N SER A 327 20.79 0.53 -3.42
CA SER A 327 21.86 0.92 -2.52
C SER A 327 21.47 1.32 -1.12
N ALA A 328 20.19 1.55 -0.89
CA ALA A 328 19.75 1.94 0.43
C ALA A 328 20.21 1.00 1.54
N TYR A 329 20.21 1.49 2.77
CA TYR A 329 20.64 0.72 3.95
C TYR A 329 19.90 -0.61 4.05
N ILE A 330 18.65 -0.57 4.51
CA ILE A 330 17.88 -1.81 4.68
C ILE A 330 17.89 -2.75 3.46
N PRO A 331 17.81 -2.21 2.23
CA PRO A 331 17.83 -3.14 1.09
C PRO A 331 19.18 -3.84 0.94
N THR A 332 20.27 -3.11 1.17
CA THR A 332 21.60 -3.72 1.05
C THR A 332 21.80 -4.77 2.15
N ASN A 333 21.28 -4.48 3.34
CA ASN A 333 21.37 -5.43 4.44
C ASN A 333 20.70 -6.75 4.02
N VAL A 334 19.39 -6.68 3.80
CA VAL A 334 18.63 -7.86 3.42
C VAL A 334 19.15 -8.52 2.15
N ILE A 335 19.98 -7.85 1.37
CA ILE A 335 20.53 -8.48 0.16
C ILE A 335 21.71 -9.33 0.58
N SER A 336 22.47 -8.86 1.54
CA SER A 336 23.63 -9.58 2.00
C SER A 336 23.29 -10.78 2.89
N ILE A 337 22.02 -11.16 2.93
CA ILE A 337 21.55 -12.31 3.73
C ILE A 337 20.98 -13.39 2.80
N THR A 338 20.05 -12.99 1.95
CA THR A 338 19.38 -13.87 1.03
C THR A 338 20.26 -14.47 -0.11
N ASP A 339 19.83 -15.61 -0.64
CA ASP A 339 20.52 -16.34 -1.72
C ASP A 339 20.16 -15.84 -3.11
N GLY A 340 20.12 -14.51 -3.25
CA GLY A 340 19.80 -13.91 -4.54
C GLY A 340 18.56 -13.07 -4.46
N GLN A 341 18.36 -12.20 -5.44
CA GLN A 341 17.18 -11.35 -5.44
C GLN A 341 16.50 -11.23 -6.80
N ILE A 342 15.19 -11.04 -6.76
CA ILE A 342 14.42 -10.85 -7.97
C ILE A 342 14.14 -9.37 -7.98
N PHE A 343 14.49 -8.71 -9.09
CA PHE A 343 14.31 -7.28 -9.24
C PHE A 343 13.12 -6.89 -10.10
N LEU A 344 12.10 -6.27 -9.51
CA LEU A 344 10.95 -5.82 -10.28
C LEU A 344 11.13 -4.36 -10.73
N GLN A 345 11.28 -4.17 -12.04
CA GLN A 345 11.46 -2.83 -12.61
C GLN A 345 10.17 -2.02 -12.58
N SER A 346 10.28 -0.78 -12.12
CA SER A 346 9.13 0.12 -12.01
C SER A 346 8.57 0.51 -13.37
N ASP A 347 9.40 1.07 -14.24
CA ASP A 347 8.93 1.47 -15.55
C ASP A 347 8.37 0.28 -16.30
N LEU A 348 9.06 -0.85 -16.23
CA LEU A 348 8.62 -2.09 -16.88
C LEU A 348 7.14 -2.37 -16.63
N PHE A 349 6.70 -2.13 -15.40
CA PHE A 349 5.33 -2.35 -15.01
C PHE A 349 4.34 -1.50 -15.77
N PHE A 350 4.42 -0.18 -15.57
CA PHE A 350 3.49 0.74 -16.21
C PHE A 350 3.45 0.77 -17.74
N SER A 351 4.58 0.51 -18.37
CA SER A 351 4.62 0.48 -19.82
C SER A 351 3.88 -0.77 -20.29
N GLY A 352 3.82 -1.77 -19.41
CA GLY A 352 3.13 -3.01 -19.71
C GLY A 352 3.99 -4.25 -19.86
N VAL A 353 4.50 -4.75 -18.74
CA VAL A 353 5.32 -5.96 -18.78
C VAL A 353 5.15 -6.63 -17.44
N ARG A 354 4.14 -7.47 -17.36
CA ARG A 354 3.88 -8.21 -16.13
C ARG A 354 4.35 -9.61 -16.50
N PRO A 355 5.29 -10.20 -15.73
CA PRO A 355 6.00 -9.71 -14.55
C PRO A 355 7.13 -8.73 -14.89
N ALA A 356 7.14 -7.59 -14.20
CA ALA A 356 8.14 -6.53 -14.40
C ALA A 356 9.61 -6.90 -14.13
N ILE A 357 9.90 -8.20 -14.11
CA ILE A 357 11.23 -8.74 -13.85
C ILE A 357 12.33 -8.02 -14.62
N ASN A 358 13.37 -7.58 -13.91
CA ASN A 358 14.53 -6.92 -14.52
C ASN A 358 15.67 -7.94 -14.59
N ALA A 359 15.51 -8.91 -15.48
CA ALA A 359 16.46 -10.00 -15.68
C ALA A 359 17.89 -9.74 -15.21
N GLY A 360 18.54 -8.76 -15.82
CA GLY A 360 19.92 -8.45 -15.50
C GLY A 360 20.36 -8.44 -14.04
N LEU A 361 19.78 -7.53 -13.26
CA LEU A 361 20.14 -7.41 -11.84
C LEU A 361 19.63 -8.61 -11.03
N SER A 362 18.49 -9.17 -11.42
CA SER A 362 17.94 -10.33 -10.73
C SER A 362 19.00 -11.43 -10.72
N VAL A 363 19.07 -12.19 -9.62
CA VAL A 363 20.07 -13.24 -9.48
C VAL A 363 19.63 -14.20 -8.38
N SER A 364 19.88 -15.44 -8.68
CA SER A 364 19.64 -16.55 -7.76
C SER A 364 20.90 -17.34 -7.70
N ARG A 365 21.37 -17.54 -6.51
CA ARG A 365 22.62 -18.23 -6.33
C ARG A 365 22.40 -19.75 -6.33
N VAL A 366 21.61 -20.27 -5.39
CA VAL A 366 21.35 -21.74 -5.39
C VAL A 366 20.66 -22.13 -6.68
N GLY A 367 20.34 -21.09 -7.42
CA GLY A 367 19.69 -21.21 -8.71
C GLY A 367 20.56 -22.03 -9.63
N GLY A 368 20.03 -23.15 -10.08
CA GLY A 368 20.78 -24.04 -10.94
C GLY A 368 20.44 -25.42 -10.46
N ALA A 369 20.98 -25.78 -9.30
CA ALA A 369 20.72 -27.08 -8.69
C ALA A 369 19.25 -27.25 -8.29
N ALA A 370 18.43 -26.29 -8.71
CA ALA A 370 17.00 -26.29 -8.45
C ALA A 370 16.28 -26.86 -9.68
N GLN A 371 16.45 -26.20 -10.82
CA GLN A 371 15.81 -26.59 -12.08
C GLN A 371 15.87 -28.06 -12.46
N ILE A 372 14.80 -28.54 -13.08
CA ILE A 372 14.76 -29.91 -13.54
C ILE A 372 15.40 -29.80 -14.92
N LYS A 373 16.16 -30.82 -15.32
CA LYS A 373 16.86 -30.86 -16.60
C LYS A 373 16.10 -30.26 -17.77
N ALA A 374 14.79 -30.48 -17.81
CA ALA A 374 13.96 -29.92 -18.87
C ALA A 374 14.24 -28.42 -18.96
N MET A 375 14.11 -27.74 -17.82
CA MET A 375 14.34 -26.31 -17.74
C MET A 375 15.81 -25.98 -17.90
N LYS A 376 16.69 -26.82 -17.36
CA LYS A 376 18.13 -26.59 -17.44
C LYS A 376 18.64 -26.39 -18.87
N LYS A 377 18.30 -27.32 -19.75
CA LYS A 377 18.76 -27.25 -21.13
C LYS A 377 18.28 -26.03 -21.91
N VAL A 378 16.97 -25.85 -22.00
CA VAL A 378 16.40 -24.74 -22.73
C VAL A 378 16.64 -23.34 -22.13
N ALA A 379 16.43 -23.21 -20.83
CA ALA A 379 16.61 -21.93 -20.14
C ALA A 379 18.03 -21.36 -20.25
N GLY A 380 18.99 -22.23 -20.54
CA GLY A 380 20.37 -21.79 -20.66
C GLY A 380 20.58 -20.69 -21.68
N THR A 381 20.13 -20.95 -22.90
CA THR A 381 20.30 -19.99 -23.98
C THR A 381 19.46 -18.72 -23.80
N LEU A 382 18.34 -18.86 -23.09
CA LEU A 382 17.43 -17.74 -22.84
C LEU A 382 18.13 -16.51 -22.26
N ARG A 383 19.05 -16.74 -21.33
CA ARG A 383 19.81 -15.65 -20.71
C ARG A 383 20.56 -14.86 -21.77
N LEU A 384 21.21 -15.57 -22.68
CA LEU A 384 21.99 -14.96 -23.75
C LEU A 384 21.11 -14.20 -24.73
N ASP A 385 20.09 -14.86 -25.24
CA ASP A 385 19.17 -14.24 -26.18
C ASP A 385 18.63 -12.95 -25.58
N LEU A 386 18.40 -12.96 -24.28
CA LEU A 386 17.90 -11.78 -23.58
C LEU A 386 19.06 -10.80 -23.32
N ALA A 387 20.23 -11.35 -23.01
CA ALA A 387 21.42 -10.55 -22.73
C ALA A 387 21.74 -9.61 -23.87
N ALA A 388 21.97 -10.19 -25.05
CA ALA A 388 22.29 -9.42 -26.24
C ALA A 388 21.24 -8.34 -26.44
N TYR A 389 19.97 -8.76 -26.52
CA TYR A 389 18.86 -7.84 -26.71
C TYR A 389 18.90 -6.67 -25.73
N ARG A 390 19.30 -6.96 -24.48
CA ARG A 390 19.37 -5.95 -23.44
C ARG A 390 20.39 -4.84 -23.69
N GLU A 391 21.61 -5.21 -24.10
CA GLU A 391 22.67 -4.25 -24.34
C GLU A 391 22.53 -3.47 -25.65
N LEU A 392 21.77 -4.01 -26.58
CA LEU A 392 21.56 -3.37 -27.88
C LEU A 392 20.69 -2.13 -27.78
N GLU A 393 19.80 -2.08 -26.80
CA GLU A 393 18.91 -0.95 -26.63
C GLU A 393 18.91 -0.45 -25.19
N PHE A 395 19.71 3.78 -23.31
CA PHE A 395 19.24 5.17 -23.32
C PHE A 395 18.99 5.62 -24.75
N ALA A 396 19.62 4.94 -25.70
CA ALA A 396 19.45 5.25 -27.11
C ALA A 396 18.10 4.69 -27.58
N GLN A 397 17.03 5.43 -27.26
CA GLN A 397 15.67 5.04 -27.62
C GLN A 397 15.52 5.08 -29.14
N PHE A 398 15.82 6.22 -29.74
CA PHE A 398 15.73 6.39 -31.18
C PHE A 398 17.11 6.45 -31.84
N SER A 400 19.26 3.87 -34.07
CA SER A 400 19.43 2.61 -34.79
C SER A 400 20.88 2.14 -34.89
N ASP A 401 21.06 0.81 -34.79
CA ASP A 401 22.37 0.18 -34.87
C ASP A 401 22.74 -0.08 -36.34
N ASP A 403 25.20 -2.88 -37.36
CA ASP A 403 25.52 -4.27 -37.57
C ASP A 403 24.32 -5.11 -38.07
N LYS A 404 24.57 -5.98 -39.03
CA LYS A 404 23.52 -6.84 -39.57
C LYS A 404 23.30 -8.05 -38.67
N ALA A 405 24.37 -8.58 -38.10
CA ALA A 405 24.29 -9.72 -37.20
C ALA A 405 23.35 -9.41 -36.03
N THR A 406 23.34 -8.14 -35.63
CA THR A 406 22.50 -7.69 -34.52
C THR A 406 21.03 -7.66 -34.94
N GLN A 407 20.78 -7.40 -36.23
CA GLN A 407 19.41 -7.38 -36.75
C GLN A 407 18.85 -8.80 -36.69
N ALA A 408 19.75 -9.78 -36.65
CA ALA A 408 19.37 -11.19 -36.56
C ALA A 408 19.09 -11.54 -35.10
N ASN A 409 19.90 -11.00 -34.20
CA ASN A 409 19.75 -11.23 -32.76
C ASN A 409 18.41 -10.69 -32.24
N VAL A 410 18.06 -9.49 -32.66
CA VAL A 410 16.81 -8.83 -32.26
C VAL A 410 15.56 -9.64 -32.61
N ALA A 411 15.71 -10.59 -33.54
CA ALA A 411 14.59 -11.43 -33.98
C ALA A 411 13.87 -12.13 -32.83
N ARG A 412 14.30 -13.33 -32.46
CA ARG A 412 13.67 -14.05 -31.37
C ARG A 412 13.79 -13.30 -30.05
N GLY A 413 14.82 -12.45 -29.95
CA GLY A 413 15.02 -11.66 -28.75
C GLY A 413 13.80 -10.82 -28.44
N ALA A 414 13.16 -10.32 -29.49
CA ALA A 414 11.97 -9.50 -29.32
C ALA A 414 10.80 -10.41 -28.95
N ARG A 415 10.82 -11.64 -29.44
CA ARG A 415 9.75 -12.60 -29.17
C ARG A 415 9.87 -13.25 -27.79
N THR A 416 11.09 -13.33 -27.27
CA THR A 416 11.30 -13.91 -25.95
C THR A 416 10.52 -13.05 -24.94
N VAL A 417 10.80 -11.75 -24.98
CA VAL A 417 10.16 -10.75 -24.12
C VAL A 417 8.65 -10.95 -24.06
N GLU A 418 8.07 -11.43 -25.15
CA GLU A 418 6.62 -11.66 -25.24
C GLU A 418 6.19 -12.96 -24.56
N VAL A 419 7.10 -13.93 -24.49
CA VAL A 419 6.83 -15.22 -23.87
C VAL A 419 7.02 -15.13 -22.36
N LEU A 420 7.99 -14.31 -21.93
CA LEU A 420 8.27 -14.14 -20.51
C LEU A 420 7.11 -13.41 -19.84
N LYS A 421 6.59 -12.39 -20.53
CA LYS A 421 5.44 -11.62 -20.05
C LYS A 421 4.38 -12.64 -19.69
N GLN A 422 3.80 -12.54 -18.51
CA GLN A 422 2.77 -13.50 -18.13
C GLN A 422 1.56 -12.83 -17.53
N ASP A 423 0.42 -13.48 -17.69
CA ASP A 423 -0.83 -12.94 -17.14
C ASP A 423 -1.07 -13.36 -15.69
N LEU A 424 -1.33 -12.33 -14.89
CA LEU A 424 -1.59 -12.47 -13.47
C LEU A 424 -2.62 -13.58 -13.19
N HIS A 425 -2.49 -14.21 -12.02
CA HIS A 425 -3.37 -15.29 -11.57
C HIS A 425 -3.47 -16.53 -12.45
N GLN A 426 -2.61 -16.60 -13.46
CA GLN A 426 -2.58 -17.74 -14.38
C GLN A 426 -1.24 -18.47 -14.25
N PRO A 427 -1.13 -19.39 -13.25
CA PRO A 427 0.10 -20.16 -13.02
C PRO A 427 0.25 -21.24 -14.08
N ILE A 428 1.46 -21.34 -14.63
CA ILE A 428 1.76 -22.31 -15.68
C ILE A 428 2.62 -23.44 -15.17
N PRO A 429 2.17 -24.69 -15.34
CA PRO A 429 2.91 -25.88 -14.90
C PRO A 429 4.17 -26.08 -15.75
N VAL A 430 5.23 -26.57 -15.11
CA VAL A 430 6.52 -26.76 -15.77
C VAL A 430 6.56 -27.49 -17.11
N GLU A 431 5.93 -28.67 -17.18
CA GLU A 431 5.94 -29.48 -18.40
C GLU A 431 5.61 -28.65 -19.63
N LYS A 432 4.42 -28.07 -19.68
CA LYS A 432 4.07 -27.27 -20.83
C LYS A 432 4.90 -26.00 -20.92
N GLN A 433 5.55 -25.64 -19.83
CA GLN A 433 6.37 -24.43 -19.76
C GLN A 433 7.74 -24.59 -20.40
N VAL A 434 8.30 -25.80 -20.31
CA VAL A 434 9.62 -26.09 -20.88
C VAL A 434 9.56 -26.19 -22.39
N LEU A 435 8.38 -26.51 -22.91
CA LEU A 435 8.17 -26.65 -24.35
C LEU A 435 8.08 -25.30 -25.02
N ILE A 436 7.38 -24.37 -24.39
CA ILE A 436 7.22 -23.02 -24.92
C ILE A 436 8.56 -22.29 -24.87
N ILE A 437 9.28 -22.49 -23.77
CA ILE A 437 10.60 -21.86 -23.61
C ILE A 437 11.53 -22.50 -24.64
N TYR A 438 11.14 -23.69 -25.10
CA TYR A 438 11.88 -24.46 -26.09
C TYR A 438 11.66 -23.84 -27.47
N ALA A 439 10.40 -23.82 -27.90
CA ALA A 439 10.04 -23.28 -29.20
C ALA A 439 10.79 -22.02 -29.62
N LEU A 440 10.61 -20.93 -28.88
CA LEU A 440 11.26 -19.68 -29.24
C LEU A 440 12.78 -19.70 -29.25
N THR A 441 13.37 -20.70 -28.61
CA THR A 441 14.83 -20.80 -28.59
C THR A 441 15.33 -21.74 -29.72
N ARG A 442 14.39 -22.41 -30.37
CA ARG A 442 14.71 -23.32 -31.47
C ARG A 442 14.07 -22.79 -32.75
N GLY A 443 13.82 -21.48 -32.77
CA GLY A 443 13.23 -20.83 -33.93
C GLY A 443 11.78 -21.17 -34.23
N PHE A 444 11.24 -22.18 -33.58
CA PHE A 444 9.86 -22.62 -33.80
C PHE A 444 8.81 -21.52 -33.51
N LEU A 445 9.25 -20.27 -33.37
CA LEU A 445 8.35 -19.18 -33.08
C LEU A 445 8.73 -17.94 -33.87
N ASP A 446 10.00 -17.88 -34.29
CA ASP A 446 10.55 -16.74 -35.05
C ASP A 446 9.75 -16.38 -36.31
N ASP A 447 9.08 -17.37 -36.91
CA ASP A 447 8.28 -17.12 -38.10
C ASP A 447 7.01 -16.32 -37.78
N ILE A 448 6.53 -16.48 -36.54
CA ILE A 448 5.35 -15.77 -36.08
C ILE A 448 5.75 -14.48 -35.38
N PRO A 449 5.17 -13.34 -35.82
CA PRO A 449 5.46 -12.01 -35.26
C PRO A 449 5.04 -11.88 -33.80
N VAL A 450 5.70 -10.95 -33.11
CA VAL A 450 5.44 -10.68 -31.69
C VAL A 450 3.93 -10.50 -31.42
N GLU A 451 3.23 -10.03 -32.44
CA GLU A 451 1.79 -9.79 -32.36
C GLU A 451 1.04 -11.06 -31.99
N ASP A 452 1.46 -12.19 -32.56
CA ASP A 452 0.82 -13.47 -32.27
C ASP A 452 1.63 -14.41 -31.38
N VAL A 453 2.65 -13.89 -30.71
CA VAL A 453 3.48 -14.72 -29.83
C VAL A 453 2.66 -15.21 -28.66
N ARG A 454 2.04 -14.28 -27.93
CA ARG A 454 1.23 -14.63 -26.78
C ARG A 454 0.03 -15.49 -27.21
N ARG A 455 -0.46 -15.28 -28.44
CA ARG A 455 -1.57 -16.08 -28.95
C ARG A 455 -1.02 -17.48 -29.20
N PHE A 456 0.16 -17.53 -29.81
CA PHE A 456 0.82 -18.80 -30.09
C PHE A 456 0.93 -19.56 -28.78
N GLU A 457 1.25 -18.86 -27.69
CA GLU A 457 1.37 -19.50 -26.38
C GLU A 457 0.10 -20.17 -25.95
N LYS A 458 -0.97 -19.40 -25.78
CA LYS A 458 -2.26 -19.94 -25.38
C LYS A 458 -2.60 -21.10 -26.30
N GLU A 459 -2.34 -20.88 -27.58
CA GLU A 459 -2.60 -21.85 -28.64
C GLU A 459 -1.83 -23.15 -28.40
N PHE A 460 -0.51 -23.07 -28.53
CA PHE A 460 0.40 -24.19 -28.34
C PHE A 460 0.10 -24.95 -27.05
N TYR A 461 -0.24 -24.23 -25.99
CA TYR A 461 -0.56 -24.85 -24.71
C TYR A 461 -1.72 -25.84 -24.86
N LEU A 462 -2.91 -25.35 -25.21
CA LEU A 462 -4.08 -26.21 -25.37
C LEU A 462 -3.86 -27.29 -26.43
N TRP A 463 -3.06 -26.98 -27.44
CA TRP A 463 -2.78 -27.95 -28.49
C TRP A 463 -1.99 -29.10 -27.87
N LEU A 464 -0.96 -28.75 -27.09
CA LEU A 464 -0.11 -29.74 -26.42
C LEU A 464 -0.91 -30.52 -25.39
N ASP A 465 -1.73 -29.82 -24.62
CA ASP A 465 -2.56 -30.46 -23.60
C ASP A 465 -3.39 -31.58 -24.23
N GLN A 466 -3.63 -31.47 -25.53
CA GLN A 466 -4.42 -32.45 -26.26
C GLN A 466 -3.50 -33.41 -27.04
N ASN A 467 -2.94 -32.92 -28.12
CA ASN A 467 -2.06 -33.73 -28.97
C ASN A 467 -0.82 -34.17 -28.20
N GLY A 468 -0.14 -33.20 -27.59
CA GLY A 468 1.06 -33.50 -26.83
C GLY A 468 0.84 -34.00 -25.42
N GLN A 469 -0.39 -34.40 -25.10
CA GLN A 469 -0.71 -34.90 -23.76
C GLN A 469 0.05 -36.19 -23.43
N HIS A 470 0.79 -36.69 -24.42
CA HIS A 470 1.61 -37.90 -24.25
C HIS A 470 3.08 -37.47 -24.20
N LEU A 471 3.35 -36.27 -24.73
CA LEU A 471 4.67 -35.70 -24.80
C LEU A 471 5.05 -34.95 -23.52
N LEU A 472 4.12 -34.15 -23.01
CA LEU A 472 4.38 -33.40 -21.79
C LEU A 472 4.70 -34.35 -20.66
N GLU A 473 3.99 -35.48 -20.60
CA GLU A 473 4.22 -36.50 -19.58
C GLU A 473 5.67 -36.98 -19.56
N HIS A 474 6.31 -36.92 -20.72
CA HIS A 474 7.71 -37.33 -20.84
C HIS A 474 8.59 -36.30 -20.17
N ILE A 475 8.21 -35.03 -20.32
CA ILE A 475 8.95 -33.92 -19.72
C ILE A 475 8.80 -34.03 -18.22
N ARG A 476 7.57 -34.29 -17.80
CA ARG A 476 7.21 -34.43 -16.41
C ARG A 476 7.94 -35.59 -15.74
N THR A 477 7.36 -36.78 -15.80
CA THR A 477 7.94 -37.98 -15.18
C THR A 477 9.46 -38.10 -15.17
N THR A 478 10.10 -37.74 -16.28
CA THR A 478 11.55 -37.86 -16.36
C THR A 478 12.31 -36.63 -15.91
N LYS A 479 11.70 -35.45 -16.04
CA LYS A 479 12.32 -34.17 -15.67
C LYS A 479 13.44 -33.86 -16.68
N ASP A 480 13.54 -34.70 -17.69
CA ASP A 480 14.58 -34.58 -18.72
C ASP A 480 13.95 -34.45 -20.10
N LEU A 481 14.76 -34.06 -21.08
CA LEU A 481 14.32 -33.93 -22.46
C LEU A 481 15.51 -34.28 -23.36
N PRO A 482 15.98 -35.55 -23.31
CA PRO A 482 17.12 -36.00 -24.11
C PRO A 482 16.83 -36.19 -25.60
N ASN A 483 17.05 -37.39 -26.11
CA ASN A 483 16.86 -37.69 -27.53
C ASN A 483 15.42 -37.82 -28.00
N GLU A 484 14.69 -38.79 -27.47
CA GLU A 484 13.29 -38.99 -27.86
C GLU A 484 12.56 -37.66 -27.76
N ASP A 485 12.73 -37.00 -26.62
CA ASP A 485 12.09 -35.72 -26.37
C ASP A 485 12.56 -34.58 -27.28
N ASP A 486 13.86 -34.40 -27.42
CA ASP A 486 14.40 -33.34 -28.29
C ASP A 486 14.02 -33.56 -29.76
N LEU A 487 14.25 -34.77 -30.27
CA LEU A 487 13.93 -35.08 -31.65
C LEU A 487 12.42 -34.92 -31.88
N ASN A 488 11.64 -35.67 -31.12
CA ASN A 488 10.19 -35.62 -31.22
C ASN A 488 9.66 -34.21 -31.14
N GLN A 489 9.81 -33.57 -29.98
CA GLN A 489 9.34 -32.21 -29.75
C GLN A 489 9.72 -31.23 -30.86
N ALA A 490 10.89 -31.44 -31.45
CA ALA A 490 11.37 -30.58 -32.54
C ALA A 490 10.36 -30.62 -33.67
N ILE A 491 10.01 -31.83 -34.07
CA ILE A 491 9.06 -32.06 -35.15
C ILE A 491 7.61 -31.88 -34.64
N GLU A 492 7.40 -32.07 -33.35
CA GLU A 492 6.06 -31.94 -32.78
C GLU A 492 5.60 -30.49 -32.65
N ALA A 493 6.55 -29.57 -32.47
CA ALA A 493 6.23 -28.15 -32.38
C ALA A 493 5.62 -27.80 -33.74
N PHE A 494 6.16 -28.43 -34.78
CA PHE A 494 5.71 -28.25 -36.16
C PHE A 494 4.26 -28.68 -36.30
N LYS A 495 3.88 -29.71 -35.55
CA LYS A 495 2.51 -30.22 -35.58
C LYS A 495 1.55 -29.05 -35.36
N LYS A 496 1.96 -28.10 -34.53
CA LYS A 496 1.12 -26.96 -34.25
C LYS A 496 1.44 -25.75 -35.13
N THR A 497 2.69 -25.32 -35.14
CA THR A 497 3.06 -24.17 -35.98
C THR A 497 2.56 -24.38 -37.41
N PHE A 498 2.59 -25.63 -37.86
CA PHE A 498 2.12 -25.97 -39.20
C PHE A 498 0.63 -26.32 -39.16
N VAL A 499 -0.12 -25.56 -38.38
CA VAL A 499 -1.56 -25.73 -38.24
C VAL A 499 -2.13 -24.50 -37.54
N VAL A 500 -1.28 -23.51 -37.32
CA VAL A 500 -1.67 -22.27 -36.65
C VAL A 500 -2.34 -21.28 -37.59
N SER A 501 -3.06 -20.34 -37.01
CA SER A 501 -3.75 -19.29 -37.76
C SER A 501 -2.70 -18.19 -38.01
N GLN A 502 -3.10 -17.13 -38.70
CA GLN A 502 -2.19 -16.02 -38.97
C GLN A 502 -2.41 -14.90 -37.96
N MET B 1 -12.59 14.98 43.32
CA MET B 1 -13.30 14.35 42.17
C MET B 1 -12.31 14.12 41.03
N THR B 2 -12.80 14.06 39.80
CA THR B 2 -11.98 13.87 38.61
C THR B 2 -11.31 15.17 38.14
N ARG B 3 -10.82 15.95 39.10
CA ARG B 3 -10.17 17.23 38.84
C ARG B 3 -8.65 17.25 39.00
N GLY B 4 -7.93 17.48 37.91
CA GLY B 4 -6.49 17.55 37.98
C GLY B 4 -6.05 18.99 38.10
N ARG B 5 -4.75 19.25 38.14
CA ARG B 5 -4.23 20.63 38.25
C ARG B 5 -2.96 20.78 37.42
N VAL B 6 -2.78 21.93 36.78
CA VAL B 6 -1.60 22.14 35.94
C VAL B 6 -0.28 22.12 36.72
N ILE B 7 0.65 21.29 36.27
CA ILE B 7 1.98 21.13 36.88
C ILE B 7 3.04 21.83 36.05
N GLN B 8 2.98 21.69 34.74
CA GLN B 8 3.96 22.31 33.86
C GLN B 8 3.37 22.80 32.59
N VAL B 9 4.08 23.72 31.94
CA VAL B 9 3.65 24.27 30.66
C VAL B 9 4.90 24.51 29.82
N MET B 10 5.16 23.58 28.89
CA MET B 10 6.30 23.67 28.01
C MET B 10 5.64 23.93 26.67
N GLY B 11 5.43 25.20 26.36
CA GLY B 11 4.81 25.57 25.09
C GLY B 11 3.50 24.85 24.93
N PRO B 12 3.27 24.12 23.83
CA PRO B 12 2.01 23.43 23.65
C PRO B 12 1.90 22.20 24.52
N VAL B 13 2.98 21.75 25.14
CA VAL B 13 2.89 20.60 26.00
C VAL B 13 2.53 21.03 27.41
N VAL B 14 1.50 20.42 28.01
CA VAL B 14 1.10 20.77 29.38
C VAL B 14 0.90 19.51 30.19
N ASP B 15 1.51 19.42 31.38
CA ASP B 15 1.38 18.26 32.26
C ASP B 15 0.35 18.56 33.33
N VAL B 16 -0.49 17.59 33.62
CA VAL B 16 -1.54 17.75 34.61
C VAL B 16 -1.40 16.61 35.58
N LYS B 17 -1.57 16.93 36.87
CA LYS B 17 -1.49 15.94 37.94
C LYS B 17 -2.90 15.72 38.45
N PHE B 18 -3.30 14.46 38.57
CA PHE B 18 -4.64 14.13 39.06
C PHE B 18 -4.63 13.50 40.45
N GLU B 19 -5.51 14.00 41.31
CA GLU B 19 -5.61 13.48 42.67
C GLU B 19 -6.57 12.31 42.67
N ASN B 20 -6.70 11.67 43.84
CA ASN B 20 -7.58 10.53 44.04
C ASN B 20 -7.47 9.44 42.96
N GLY B 21 -6.27 9.27 42.41
CA GLY B 21 -6.05 8.26 41.39
C GLY B 21 -7.14 8.15 40.33
N HIS B 22 -7.50 9.29 39.74
CA HIS B 22 -8.53 9.30 38.71
C HIS B 22 -7.93 8.99 37.34
N LEU B 23 -6.81 9.65 37.03
CA LEU B 23 -6.06 9.47 35.78
C LEU B 23 -6.86 9.26 34.48
N PRO B 24 -7.05 10.30 33.67
CA PRO B 24 -7.80 10.16 32.42
C PRO B 24 -6.99 9.35 31.42
N ALA B 25 -7.66 8.51 30.66
CA ALA B 25 -6.96 7.69 29.67
C ALA B 25 -6.28 8.47 28.54
N ILE B 26 -5.46 7.78 27.74
CA ILE B 26 -4.77 8.41 26.63
C ILE B 26 -5.77 8.78 25.54
N TYR B 27 -5.70 10.01 25.06
CA TYR B 27 -6.57 10.59 24.02
C TYR B 27 -7.80 11.32 24.57
N ASN B 28 -8.01 11.27 25.89
CA ASN B 28 -9.14 11.95 26.55
C ASN B 28 -8.96 13.46 26.54
N ALA B 29 -10.08 14.18 26.48
CA ALA B 29 -10.05 15.65 26.46
C ALA B 29 -10.06 16.25 27.84
N LEU B 30 -9.28 17.30 28.00
CA LEU B 30 -9.20 17.96 29.27
C LEU B 30 -9.48 19.43 29.04
N LYS B 31 -10.52 19.94 29.68
CA LYS B 31 -10.83 21.34 29.55
C LYS B 31 -10.27 22.11 30.73
N ILE B 32 -9.72 23.28 30.43
CA ILE B 32 -9.22 24.20 31.43
C ILE B 32 -10.11 25.42 31.15
N GLN B 33 -10.99 25.73 32.10
CA GLN B 33 -11.85 26.89 31.95
C GLN B 33 -11.62 27.71 33.20
N HIS B 34 -10.73 28.69 33.11
CA HIS B 34 -10.39 29.52 34.24
C HIS B 34 -10.78 30.98 34.05
N LYS B 35 -11.34 31.57 35.10
CA LYS B 35 -11.71 32.96 35.07
C LYS B 35 -10.69 33.66 35.93
N ALA B 36 -10.14 34.77 35.45
CA ALA B 36 -9.14 35.53 36.19
C ALA B 36 -9.67 36.01 37.53
N ARG B 37 -8.98 35.66 38.61
CA ARG B 37 -9.44 36.09 39.90
C ARG B 37 -8.92 37.49 40.20
N ASN B 38 -8.06 38.03 39.32
CA ASN B 38 -7.52 39.37 39.53
C ASN B 38 -6.97 39.99 38.26
N GLU B 39 -6.56 41.25 38.37
CA GLU B 39 -6.03 42.02 37.24
C GLU B 39 -4.69 41.50 36.74
N ASN B 40 -4.11 40.56 37.47
CA ASN B 40 -2.83 40.01 37.06
C ASN B 40 -2.98 38.68 36.34
N GLU B 41 -4.20 38.33 35.96
CA GLU B 41 -4.44 37.08 35.28
C GLU B 41 -5.32 37.28 34.05
N VAL B 42 -5.54 36.20 33.30
CA VAL B 42 -6.32 36.27 32.09
C VAL B 42 -7.33 35.14 32.10
N ASP B 43 -8.37 35.29 31.29
CA ASP B 43 -9.40 34.26 31.19
C ASP B 43 -8.94 33.16 30.25
N ILE B 44 -8.96 31.93 30.74
CA ILE B 44 -8.54 30.74 29.99
C ILE B 44 -9.68 29.77 29.66
N ASP B 45 -9.69 29.28 28.43
CA ASP B 45 -10.66 28.30 27.99
C ASP B 45 -9.88 27.49 26.97
N LEU B 46 -9.48 26.27 27.37
CA LEU B 46 -8.60 25.43 26.54
C LEU B 46 -8.82 23.94 26.69
N THR B 47 -8.80 23.20 25.59
CA THR B 47 -8.92 21.74 25.63
C THR B 47 -7.54 21.14 25.35
N LEU B 48 -7.21 20.09 26.10
CA LEU B 48 -5.91 19.43 26.02
C LEU B 48 -6.13 17.94 25.77
N GLU B 49 -5.39 17.35 24.83
CA GLU B 49 -5.57 15.94 24.60
C GLU B 49 -4.48 15.18 25.36
N VAL B 50 -4.87 14.25 26.20
CA VAL B 50 -3.91 13.47 26.98
C VAL B 50 -3.00 12.69 26.03
N ALA B 51 -1.70 12.74 26.29
CA ALA B 51 -0.77 12.06 25.43
C ALA B 51 -0.11 10.87 26.10
N LEU B 52 0.29 11.00 27.37
CA LEU B 52 0.94 9.87 28.03
C LEU B 52 0.69 9.86 29.54
N HIS B 53 1.14 8.79 30.19
CA HIS B 53 1.03 8.66 31.64
C HIS B 53 2.48 8.56 32.13
N LEU B 54 3.02 9.67 32.63
CA LEU B 54 4.42 9.75 33.09
C LEU B 54 4.67 9.20 34.49
N GLY B 55 3.62 8.75 35.16
CA GLY B 55 3.79 8.26 36.52
C GLY B 55 3.47 9.36 37.55
N ASP B 56 3.40 8.99 38.82
CA ASP B 56 3.11 9.95 39.88
C ASP B 56 1.83 10.68 39.59
N ASP B 57 0.84 9.96 39.09
CA ASP B 57 -0.45 10.58 38.78
C ASP B 57 -0.34 11.81 37.89
N THR B 58 0.47 11.71 36.85
CA THR B 58 0.66 12.79 35.93
C THR B 58 0.47 12.32 34.49
N VAL B 59 -0.17 13.18 33.69
CA VAL B 59 -0.43 12.92 32.27
C VAL B 59 0.20 14.06 31.48
N ARG B 60 0.98 13.74 30.47
CA ARG B 60 1.54 14.79 29.65
C ARG B 60 0.46 15.02 28.60
N THR B 61 0.13 16.29 28.41
CA THR B 61 -0.93 16.67 27.51
C THR B 61 -0.49 17.64 26.42
N ILE B 62 -1.18 17.60 25.29
CA ILE B 62 -0.91 18.50 24.14
C ILE B 62 -2.13 19.41 24.04
N ALA B 63 -1.90 20.72 24.18
CA ALA B 63 -2.99 21.69 24.12
C ALA B 63 -3.46 21.93 22.67
N MET B 64 -4.77 22.10 22.47
CA MET B 64 -5.29 22.31 21.12
C MET B 64 -5.37 23.80 20.68
N ALA B 65 -5.04 24.70 21.61
CA ALA B 65 -5.02 26.12 21.34
C ALA B 65 -3.72 26.67 21.92
N SER B 66 -3.63 27.97 22.13
CA SER B 66 -2.40 28.57 22.69
C SER B 66 -2.40 28.45 24.18
N THR B 67 -1.23 28.15 24.74
CA THR B 67 -1.10 27.99 26.18
C THR B 67 -0.76 29.28 26.91
N ASP B 68 -0.65 30.39 26.19
CA ASP B 68 -0.40 31.67 26.85
C ASP B 68 -1.43 31.95 27.94
N GLY B 69 -0.93 32.23 29.15
CA GLY B 69 -1.82 32.54 30.24
C GLY B 69 -1.97 31.43 31.24
N LEU B 70 -1.44 30.24 30.95
CA LEU B 70 -1.58 29.15 31.91
C LEU B 70 -0.76 29.42 33.14
N ILE B 71 -1.28 29.03 34.29
CA ILE B 71 -0.61 29.23 35.55
C ILE B 71 -0.53 27.91 36.25
N ARG B 72 0.67 27.54 36.68
CA ARG B 72 0.85 26.28 37.40
C ARG B 72 -0.17 26.28 38.54
N GLY B 73 -1.03 25.28 38.57
CA GLY B 73 -2.02 25.22 39.61
C GLY B 73 -3.45 25.30 39.08
N MET B 74 -3.64 25.86 37.88
CA MET B 74 -4.97 25.95 37.30
C MET B 74 -5.61 24.56 37.36
N GLU B 75 -6.92 24.48 37.61
CA GLU B 75 -7.52 23.16 37.66
C GLU B 75 -7.95 22.70 36.29
N VAL B 76 -7.77 21.41 36.04
CA VAL B 76 -8.10 20.78 34.77
C VAL B 76 -9.23 19.80 35.04
N ILE B 77 -10.15 19.67 34.09
CA ILE B 77 -11.28 18.75 34.23
C ILE B 77 -11.23 17.72 33.13
N ASP B 78 -11.59 16.48 33.46
CA ASP B 78 -11.60 15.38 32.51
C ASP B 78 -13.00 15.24 31.92
N THR B 79 -13.11 15.37 30.60
CA THR B 79 -14.39 15.25 29.90
C THR B 79 -14.83 13.80 29.82
N GLY B 80 -13.90 12.87 29.98
CA GLY B 80 -14.33 11.51 29.93
C GLY B 80 -14.24 10.90 28.57
N ALA B 81 -14.27 11.72 27.55
CA ALA B 81 -14.14 11.18 26.20
C ALA B 81 -13.18 11.97 25.39
N PRO B 82 -12.72 11.39 24.31
CA PRO B 82 -11.80 12.14 23.45
C PRO B 82 -12.58 13.25 22.74
N ILE B 83 -11.88 14.18 22.10
CA ILE B 83 -12.48 15.29 21.39
C ILE B 83 -13.59 14.74 20.53
N SER B 84 -14.83 15.08 20.90
CA SER B 84 -15.99 14.62 20.17
C SER B 84 -16.51 15.73 19.26
N VAL B 85 -17.05 15.35 18.12
CA VAL B 85 -17.53 16.31 17.13
C VAL B 85 -18.86 15.99 16.42
N PRO B 86 -19.66 17.02 16.09
CA PRO B 86 -20.94 16.94 15.40
C PRO B 86 -20.84 16.17 14.09
N VAL B 87 -21.79 15.29 13.85
CA VAL B 87 -21.85 14.48 12.63
C VAL B 87 -23.29 14.48 12.11
N GLY B 88 -23.46 14.41 10.79
CA GLY B 88 -24.80 14.41 10.22
C GLY B 88 -25.11 15.51 9.22
N GLN B 89 -26.38 15.75 8.97
CA GLN B 89 -26.78 16.78 8.02
C GLN B 89 -26.35 18.11 8.60
N VAL B 90 -26.27 18.15 9.92
CA VAL B 90 -25.89 19.36 10.65
C VAL B 90 -24.51 19.93 10.29
N THR B 91 -23.64 19.07 9.79
CA THR B 91 -22.30 19.48 9.43
C THR B 91 -22.18 19.94 7.99
N LEU B 92 -23.10 19.48 7.15
CA LEU B 92 -23.08 19.88 5.75
C LEU B 92 -23.25 21.39 5.54
N GLY B 93 -22.53 21.91 4.57
CA GLY B 93 -22.57 23.32 4.26
C GLY B 93 -21.96 24.18 5.36
N ARG B 94 -21.19 23.55 6.26
CA ARG B 94 -20.60 24.28 7.36
C ARG B 94 -19.12 24.04 7.60
N VAL B 95 -18.45 25.05 8.13
CA VAL B 95 -17.02 25.04 8.38
C VAL B 95 -16.75 25.03 9.88
N PHE B 96 -15.82 24.19 10.34
CA PHE B 96 -15.48 24.09 11.77
C PHE B 96 -13.98 23.97 12.01
N ASN B 97 -13.60 24.04 13.28
CA ASN B 97 -12.22 23.88 13.69
C ASN B 97 -12.05 22.43 14.21
N VAL B 98 -10.84 22.06 14.69
CA VAL B 98 -10.58 20.69 15.22
C VAL B 98 -11.60 20.26 16.29
N LEU B 99 -11.82 21.13 17.26
CA LEU B 99 -12.74 20.89 18.34
C LEU B 99 -14.17 20.59 17.86
N GLY B 100 -14.50 20.95 16.61
CA GLY B 100 -15.83 20.68 16.12
C GLY B 100 -16.74 21.87 16.31
N GLU B 101 -16.17 23.03 16.58
CA GLU B 101 -16.99 24.23 16.72
C GLU B 101 -17.09 24.91 15.35
N PRO B 102 -18.31 25.35 14.93
CA PRO B 102 -18.29 26.00 13.61
C PRO B 102 -17.49 27.27 13.64
N ILE B 103 -16.92 27.60 12.50
CA ILE B 103 -16.13 28.82 12.38
C ILE B 103 -16.68 29.73 11.27
N ASP B 104 -17.85 29.35 10.76
CA ASP B 104 -18.53 30.14 9.75
C ASP B 104 -19.44 31.03 10.60
N LEU B 105 -20.32 31.79 9.99
CA LEU B 105 -21.14 32.67 10.80
C LEU B 105 -22.61 32.22 10.94
N GLU B 106 -22.90 30.99 10.51
CA GLU B 106 -24.26 30.47 10.53
C GLU B 106 -24.84 30.02 11.87
N GLY B 107 -24.36 30.56 12.97
CA GLY B 107 -24.90 30.16 14.25
C GLY B 107 -24.31 28.85 14.76
N ASP B 108 -24.58 28.52 16.01
CA ASP B 108 -24.04 27.29 16.60
C ASP B 108 -24.90 26.05 16.69
N ILE B 109 -24.23 24.91 16.54
CA ILE B 109 -24.83 23.59 16.57
C ILE B 109 -25.52 23.34 17.92
N PRO B 110 -26.69 22.66 17.93
CA PRO B 110 -27.43 22.38 19.17
C PRO B 110 -26.77 21.31 20.02
N ALA B 111 -27.11 21.30 21.31
CA ALA B 111 -26.57 20.32 22.24
C ALA B 111 -27.20 18.96 22.02
N ASP B 112 -28.28 18.93 21.23
CA ASP B 112 -28.96 17.67 20.91
C ASP B 112 -28.06 16.88 19.97
N ALA B 113 -27.30 17.63 19.17
CA ALA B 113 -26.40 17.06 18.17
C ALA B 113 -25.66 15.82 18.62
N ARG B 114 -25.47 14.89 17.70
CA ARG B 114 -24.71 13.69 18.01
C ARG B 114 -23.26 14.12 17.85
N ARG B 115 -22.38 13.62 18.70
CA ARG B 115 -20.99 13.97 18.60
C ARG B 115 -20.21 12.71 18.77
N ASP B 116 -19.40 12.40 17.76
CA ASP B 116 -18.56 11.22 17.73
C ASP B 116 -17.11 11.56 18.10
N PRO B 117 -16.42 10.65 18.79
CA PRO B 117 -15.03 10.85 19.22
C PRO B 117 -14.17 10.71 17.97
N ILE B 118 -13.20 11.61 17.79
CA ILE B 118 -12.34 11.55 16.62
C ILE B 118 -11.41 10.33 16.58
N HIS B 119 -10.99 9.89 17.76
CA HIS B 119 -10.09 8.76 17.84
C HIS B 119 -10.93 7.52 17.90
N ARG B 120 -10.72 6.62 16.93
CA ARG B 120 -11.45 5.35 16.86
C ARG B 120 -10.74 4.33 15.99
N PRO B 121 -10.67 3.06 16.43
CA PRO B 121 -10.03 1.99 15.69
C PRO B 121 -10.68 1.80 14.32
N ALA B 122 -9.89 1.43 13.32
CA ALA B 122 -10.39 1.25 11.96
C ALA B 122 -11.23 -0.01 11.89
N PRO B 123 -12.03 -0.18 10.80
CA PRO B 123 -12.91 -1.34 10.59
C PRO B 123 -12.19 -2.68 10.78
N LYS B 124 -12.92 -3.69 11.24
CA LYS B 124 -12.34 -4.98 11.47
C LYS B 124 -12.18 -5.67 10.12
N PHE B 125 -11.18 -6.55 10.02
CA PHE B 125 -10.88 -7.31 8.80
C PHE B 125 -12.16 -7.88 8.21
N GLU B 126 -12.90 -8.63 9.03
CA GLU B 126 -14.15 -9.23 8.59
C GLU B 126 -15.15 -8.20 8.04
N GLU B 127 -14.99 -6.94 8.45
CA GLU B 127 -15.88 -5.87 8.05
C GLU B 127 -15.61 -5.20 6.71
N LEU B 128 -14.46 -5.41 6.13
CA LEU B 128 -14.15 -4.75 4.87
C LEU B 128 -14.73 -5.45 3.65
N ALA B 129 -14.87 -4.69 2.58
CA ALA B 129 -15.39 -5.23 1.35
C ALA B 129 -14.27 -5.99 0.69
N THR B 130 -14.59 -7.14 0.12
CA THR B 130 -13.60 -7.98 -0.54
C THR B 130 -13.19 -7.59 -1.97
N GLU B 131 -14.15 -7.29 -2.83
CA GLU B 131 -13.82 -6.94 -4.20
C GLU B 131 -13.39 -5.49 -4.39
N VAL B 132 -12.36 -5.30 -5.21
CA VAL B 132 -11.90 -3.95 -5.52
C VAL B 132 -12.83 -3.43 -6.61
N GLU B 133 -13.67 -2.45 -6.28
CA GLU B 133 -14.55 -1.88 -7.29
C GLU B 133 -14.29 -0.41 -7.58
N ILE B 134 -13.98 -0.10 -8.84
CA ILE B 134 -13.69 1.27 -9.21
C ILE B 134 -14.84 2.26 -8.99
N LEU B 135 -14.48 3.48 -8.59
CA LEU B 135 -15.44 4.56 -8.35
C LEU B 135 -15.44 5.42 -9.61
N GLU B 136 -16.61 5.54 -10.21
CA GLU B 136 -16.76 6.31 -11.43
C GLU B 136 -16.99 7.79 -11.13
N THR B 137 -16.17 8.65 -11.74
CA THR B 137 -16.27 10.11 -11.54
C THR B 137 -16.83 10.84 -12.75
N GLY B 138 -17.27 10.11 -13.76
CA GLY B 138 -17.83 10.74 -14.93
C GLY B 138 -16.81 11.63 -15.62
N ILE B 139 -15.55 11.52 -15.22
CA ILE B 139 -14.50 12.32 -15.84
C ILE B 139 -13.61 11.40 -16.69
N LYS B 140 -13.62 11.60 -18.00
CA LYS B 140 -12.85 10.77 -18.92
C LYS B 140 -11.42 10.46 -18.48
N VAL B 141 -10.55 11.46 -18.49
CA VAL B 141 -9.14 11.27 -18.11
C VAL B 141 -9.00 10.37 -16.92
N VAL B 142 -9.74 10.68 -15.86
CA VAL B 142 -9.70 9.90 -14.64
C VAL B 142 -10.14 8.46 -14.89
N ASP B 143 -11.42 8.29 -15.19
CA ASP B 143 -12.02 6.97 -15.40
C ASP B 143 -11.37 6.03 -16.42
N LEU B 144 -10.59 6.58 -17.34
CA LEU B 144 -9.94 5.75 -18.34
C LEU B 144 -8.51 5.42 -17.88
N LEU B 145 -7.66 6.47 -17.85
CA LEU B 145 -6.23 6.37 -17.54
C LEU B 145 -5.70 6.19 -16.10
N ALA B 146 -6.50 6.54 -15.10
CA ALA B 146 -6.09 6.40 -13.71
C ALA B 146 -7.33 6.24 -12.86
N PRO B 147 -8.08 5.15 -13.09
CA PRO B 147 -9.31 4.83 -12.39
C PRO B 147 -9.15 4.99 -10.91
N TYR B 148 -10.11 5.69 -10.28
CA TYR B 148 -10.07 5.85 -8.81
C TYR B 148 -10.75 4.61 -8.27
N ILE B 149 -10.31 4.15 -7.10
CA ILE B 149 -10.91 2.98 -6.48
C ILE B 149 -11.81 3.43 -5.31
N LYS B 150 -12.97 2.81 -5.21
CA LYS B 150 -13.91 3.13 -4.15
C LYS B 150 -13.26 2.77 -2.83
N GLY B 151 -12.95 3.80 -2.04
CA GLY B 151 -12.31 3.63 -0.75
C GLY B 151 -10.79 3.83 -0.70
N GLY B 152 -10.14 3.92 -1.86
CA GLY B 152 -8.70 4.08 -1.91
C GLY B 152 -8.18 5.45 -1.56
N LYS B 153 -6.92 5.69 -1.86
CA LYS B 153 -6.30 6.99 -1.57
C LYS B 153 -5.64 7.57 -2.81
N ILE B 154 -6.17 8.68 -3.32
CA ILE B 154 -5.60 9.32 -4.50
C ILE B 154 -4.72 10.47 -4.13
N GLY B 155 -3.53 10.52 -4.73
CA GLY B 155 -2.61 11.61 -4.44
C GLY B 155 -2.83 12.67 -5.48
N LEU B 156 -3.20 13.88 -5.08
CA LEU B 156 -3.41 14.95 -6.05
C LEU B 156 -2.17 15.81 -6.14
N PHE B 157 -1.50 15.76 -7.28
CA PHE B 157 -0.28 16.54 -7.49
C PHE B 157 -0.51 17.74 -8.44
N GLY B 158 0.01 18.89 -8.06
CA GLY B 158 -0.17 20.09 -8.86
C GLY B 158 -1.20 20.97 -8.16
N GLY B 159 -0.96 22.27 -8.06
CA GLY B 159 -1.92 23.13 -7.39
C GLY B 159 -1.68 24.63 -7.47
N ALA B 160 -1.09 25.08 -8.57
CA ALA B 160 -0.81 26.51 -8.78
C ALA B 160 -1.20 26.90 -10.21
N GLY B 161 -2.42 27.40 -10.37
CA GLY B 161 -2.92 27.82 -11.67
C GLY B 161 -3.08 26.67 -12.65
N VAL B 162 -3.45 25.49 -12.16
CA VAL B 162 -3.62 24.31 -13.01
C VAL B 162 -5.03 23.75 -12.94
N GLY B 163 -5.85 24.34 -12.08
CA GLY B 163 -7.24 23.93 -11.94
C GLY B 163 -7.55 22.95 -10.82
N LYS B 164 -6.69 22.92 -9.80
CA LYS B 164 -6.84 22.03 -8.67
C LYS B 164 -8.17 22.20 -7.93
N THR B 165 -8.63 23.43 -7.77
CA THR B 165 -9.88 23.65 -7.07
C THR B 165 -11.08 23.22 -7.89
N VAL B 166 -11.03 23.46 -9.20
CA VAL B 166 -12.13 23.08 -10.07
C VAL B 166 -12.35 21.57 -10.07
N LEU B 167 -11.24 20.84 -10.10
CA LEU B 167 -11.32 19.39 -10.10
C LEU B 167 -11.93 18.85 -8.81
N ILE B 168 -11.55 19.42 -7.66
CA ILE B 168 -12.10 19.02 -6.36
C ILE B 168 -13.61 19.30 -6.35
N GLN B 169 -13.95 20.52 -6.78
CA GLN B 169 -15.32 21.04 -6.85
C GLN B 169 -16.16 20.18 -7.77
N GLU B 170 -15.61 19.86 -8.94
CA GLU B 170 -16.30 19.03 -9.91
C GLU B 170 -16.49 17.59 -9.38
N LEU B 171 -15.59 17.17 -8.49
CA LEU B 171 -15.68 15.85 -7.91
C LEU B 171 -16.79 15.83 -6.90
N ILE B 172 -16.79 16.79 -5.98
CA ILE B 172 -17.82 16.92 -4.92
C ILE B 172 -19.23 16.91 -5.54
N HIS B 173 -19.28 17.42 -6.77
CA HIS B 173 -20.52 17.50 -7.55
C HIS B 173 -20.97 16.15 -8.12
N ASN B 174 -20.16 15.54 -8.98
CA ASN B 174 -20.55 14.28 -9.60
C ASN B 174 -20.94 13.18 -8.60
N ILE B 175 -20.12 12.94 -7.59
CA ILE B 175 -20.41 11.91 -6.61
C ILE B 175 -21.74 12.24 -5.91
N ALA B 176 -21.90 13.51 -5.54
CA ALA B 176 -23.10 13.98 -4.87
C ALA B 176 -24.32 13.70 -5.75
N GLN B 177 -24.13 13.80 -7.06
CA GLN B 177 -25.20 13.58 -8.00
C GLN B 177 -25.37 12.11 -8.34
N GLU B 178 -24.63 11.63 -9.33
CA GLU B 178 -24.71 10.25 -9.81
C GLU B 178 -24.39 9.17 -8.76
N HIS B 179 -24.11 9.55 -7.52
CA HIS B 179 -23.82 8.54 -6.53
C HIS B 179 -24.53 8.86 -5.23
N GLY B 180 -24.99 10.10 -5.10
CA GLY B 180 -25.67 10.50 -3.89
C GLY B 180 -24.74 10.48 -2.68
N GLY B 181 -23.50 10.95 -2.87
CA GLY B 181 -22.54 10.94 -1.78
C GLY B 181 -21.99 12.28 -1.35
N ILE B 182 -22.06 12.52 -0.06
CA ILE B 182 -21.52 13.73 0.55
C ILE B 182 -19.97 13.69 0.55
N SER B 183 -19.34 14.86 0.48
CA SER B 183 -17.88 14.95 0.53
C SER B 183 -17.56 15.72 1.80
N VAL B 184 -16.33 15.59 2.25
CA VAL B 184 -15.86 16.31 3.44
C VAL B 184 -14.47 16.89 3.07
N PHE B 185 -14.25 18.17 3.40
CA PHE B 185 -12.99 18.79 3.09
C PHE B 185 -12.26 19.18 4.36
N ALA B 186 -11.03 18.66 4.50
CA ALA B 186 -10.16 18.94 5.63
C ALA B 186 -8.95 19.77 5.17
N GLY B 187 -8.85 21.01 5.64
CA GLY B 187 -7.70 21.81 5.27
C GLY B 187 -6.69 21.66 6.39
N VAL B 188 -5.50 21.11 6.10
CA VAL B 188 -4.52 20.93 7.17
C VAL B 188 -3.29 21.79 7.00
N GLY B 189 -3.12 22.73 7.92
CA GLY B 189 -1.97 23.61 7.90
C GLY B 189 -1.58 24.07 6.51
N GLU B 190 -2.35 24.97 5.90
CA GLU B 190 -2.01 25.35 4.56
C GLU B 190 -2.62 26.64 3.99
N ARG B 191 -2.31 27.79 4.54
CA ARG B 191 -2.83 29.06 3.98
C ARG B 191 -4.31 29.38 4.17
N THR B 192 -4.62 30.18 5.18
CA THR B 192 -5.99 30.58 5.44
C THR B 192 -6.56 31.25 4.18
N ARG B 193 -5.75 32.14 3.59
CA ARG B 193 -6.07 32.85 2.36
C ARG B 193 -6.80 31.94 1.39
N GLU B 194 -6.21 30.77 1.14
CA GLU B 194 -6.76 29.76 0.26
C GLU B 194 -8.05 29.17 0.80
N GLY B 195 -8.10 28.86 2.09
CA GLY B 195 -9.30 28.29 2.67
C GLY B 195 -10.53 29.14 2.43
N ASN B 196 -10.33 30.45 2.54
CA ASN B 196 -11.34 31.46 2.31
C ASN B 196 -11.79 31.44 0.83
N ASP B 197 -10.82 31.49 -0.09
CA ASP B 197 -11.10 31.44 -1.51
C ASP B 197 -12.00 30.25 -1.86
N LEU B 198 -11.55 29.05 -1.52
CA LEU B 198 -12.28 27.81 -1.81
C LEU B 198 -13.69 27.80 -1.25
N TYR B 199 -13.83 28.28 0.00
CA TYR B 199 -15.13 28.33 0.64
C TYR B 199 -16.04 29.11 -0.26
N HIS B 200 -15.60 30.32 -0.59
CA HIS B 200 -16.38 31.18 -1.46
C HIS B 200 -16.62 30.55 -2.84
N GLU B 201 -15.58 29.94 -3.41
CA GLU B 201 -15.70 29.27 -4.71
C GLU B 201 -16.79 28.20 -4.65
N MET B 202 -17.03 27.67 -3.44
CA MET B 202 -18.02 26.63 -3.20
C MET B 202 -19.43 27.19 -3.05
N LYS B 203 -19.50 28.46 -2.67
CA LYS B 203 -20.78 29.14 -2.55
C LYS B 203 -21.30 29.29 -3.98
N ASP B 204 -20.49 29.90 -4.84
CA ASP B 204 -20.88 30.12 -6.22
C ASP B 204 -21.05 28.85 -7.02
N SER B 205 -20.19 27.87 -6.82
CA SER B 205 -20.33 26.63 -7.57
C SER B 205 -21.51 25.88 -7.02
N GLY B 206 -21.96 26.31 -5.85
CA GLY B 206 -23.10 25.70 -5.21
C GLY B 206 -22.84 24.32 -4.62
N VAL B 207 -21.63 23.80 -4.80
CA VAL B 207 -21.32 22.48 -4.28
C VAL B 207 -21.16 22.42 -2.76
N ILE B 208 -21.17 23.57 -2.10
CA ILE B 208 -21.02 23.59 -0.66
C ILE B 208 -22.19 22.99 0.14
N SER B 209 -23.36 22.84 -0.48
CA SER B 209 -24.49 22.24 0.23
C SER B 209 -24.30 20.74 0.35
N LYS B 210 -23.37 20.20 -0.40
CA LYS B 210 -23.07 18.78 -0.38
C LYS B 210 -21.71 18.51 0.28
N THR B 211 -21.22 19.44 1.08
CA THR B 211 -19.93 19.25 1.74
C THR B 211 -19.71 19.96 3.06
N ALA B 212 -19.23 19.20 4.05
CA ALA B 212 -18.88 19.74 5.35
C ALA B 212 -17.39 20.05 5.27
N MET B 213 -16.94 21.12 5.91
CA MET B 213 -15.55 21.51 5.88
C MET B 213 -14.93 21.69 7.25
N VAL B 214 -13.62 21.44 7.33
CA VAL B 214 -12.89 21.61 8.57
C VAL B 214 -11.53 22.23 8.25
N PHE B 215 -11.22 23.32 8.93
CA PHE B 215 -9.98 24.00 8.70
C PHE B 215 -9.12 24.05 9.96
N GLY B 216 -7.90 23.53 9.83
CA GLY B 216 -6.91 23.53 10.90
C GLY B 216 -5.73 24.11 10.16
N GLN B 217 -5.83 25.38 9.82
CA GLN B 217 -4.80 26.04 9.07
C GLN B 217 -3.38 26.24 9.63
N MET B 218 -2.56 26.88 8.80
CA MET B 218 -1.14 27.18 9.02
C MET B 218 -0.79 27.99 10.22
N ASN B 219 -1.77 28.56 10.89
CA ASN B 219 -1.52 29.37 12.08
C ASN B 219 -1.84 28.61 13.36
N GLU B 220 -2.37 27.40 13.19
CA GLU B 220 -2.72 26.53 14.30
C GLU B 220 -1.55 25.83 15.04
N PRO B 221 -1.63 25.72 16.37
CA PRO B 221 -0.58 25.05 17.13
C PRO B 221 -0.55 23.61 16.57
N PRO B 222 0.58 22.90 16.74
CA PRO B 222 0.79 21.52 16.27
C PRO B 222 -0.38 20.57 16.49
N GLY B 223 -0.93 20.64 17.71
CA GLY B 223 -2.06 19.80 18.10
C GLY B 223 -3.28 19.97 17.21
N ALA B 224 -3.63 21.23 16.93
CA ALA B 224 -4.74 21.56 16.07
C ALA B 224 -4.51 21.00 14.67
N ARG B 225 -3.39 21.37 14.06
CA ARG B 225 -3.06 20.91 12.72
C ARG B 225 -2.93 19.40 12.64
N MET B 226 -2.49 18.77 13.72
CA MET B 226 -2.36 17.32 13.71
C MET B 226 -3.73 16.59 13.75
N ARG B 227 -4.62 17.04 14.64
CA ARG B 227 -5.92 16.41 14.76
C ARG B 227 -7.02 16.78 13.74
N VAL B 228 -6.97 17.95 13.09
CA VAL B 228 -8.05 18.27 12.13
C VAL B 228 -8.38 17.21 11.12
N ALA B 229 -7.39 16.44 10.66
CA ALA B 229 -7.70 15.37 9.70
C ALA B 229 -8.56 14.29 10.37
N LEU B 230 -8.42 14.12 11.67
CA LEU B 230 -9.24 13.14 12.36
C LEU B 230 -10.67 13.67 12.46
N THR B 231 -10.83 14.96 12.79
CA THR B 231 -12.17 15.57 12.90
C THR B 231 -12.94 15.41 11.60
N GLY B 232 -12.39 15.96 10.53
CA GLY B 232 -13.01 15.83 9.24
C GLY B 232 -13.24 14.38 8.84
N LEU B 233 -12.41 13.46 9.34
CA LEU B 233 -12.56 12.05 9.00
C LEU B 233 -13.79 11.50 9.68
N THR B 234 -13.99 11.85 10.94
CA THR B 234 -15.13 11.40 11.72
C THR B 234 -16.46 11.86 11.07
N MET B 235 -16.55 13.16 10.81
CA MET B 235 -17.73 13.73 10.17
C MET B 235 -18.11 12.97 8.89
N ALA B 236 -17.08 12.50 8.17
CA ALA B 236 -17.30 11.78 6.94
C ALA B 236 -17.66 10.33 7.22
N GLU B 237 -17.09 9.77 8.28
CA GLU B 237 -17.35 8.39 8.62
C GLU B 237 -18.81 8.12 8.92
N TYR B 238 -19.48 9.09 9.53
CA TYR B 238 -20.89 8.94 9.89
C TYR B 238 -21.80 8.60 8.71
N PHE B 239 -21.47 9.13 7.54
CA PHE B 239 -22.28 8.83 6.38
C PHE B 239 -22.03 7.41 5.94
N ARG B 240 -20.78 7.00 5.77
CA ARG B 240 -20.49 5.62 5.33
C ARG B 240 -21.07 4.61 6.31
N ASP B 241 -20.86 4.86 7.60
CA ASP B 241 -21.31 3.97 8.64
C ASP B 241 -22.81 3.94 8.86
N GLU B 242 -23.41 5.10 9.11
CA GLU B 242 -24.83 5.15 9.37
C GLU B 242 -25.68 5.27 8.12
N GLN B 243 -25.29 6.08 7.16
CA GLN B 243 -26.11 6.21 5.98
C GLN B 243 -25.54 5.55 4.73
N GLY B 244 -24.77 4.49 4.95
CA GLY B 244 -24.15 3.69 3.90
C GLY B 244 -23.74 4.32 2.59
N GLN B 245 -23.37 5.59 2.61
CA GLN B 245 -22.99 6.28 1.38
C GLN B 245 -21.54 6.06 0.99
N ASP B 246 -21.26 6.27 -0.30
CA ASP B 246 -19.89 6.19 -0.82
C ASP B 246 -19.45 7.66 -0.83
N GLY B 247 -19.00 8.14 0.34
CA GLY B 247 -18.57 9.53 0.43
C GLY B 247 -17.11 9.85 0.17
N LEU B 248 -16.79 11.13 0.12
CA LEU B 248 -15.42 11.59 -0.16
C LEU B 248 -14.79 12.33 1.00
N LEU B 249 -13.45 12.27 1.04
CA LEU B 249 -12.64 12.94 2.06
C LEU B 249 -11.44 13.60 1.38
N PHE B 250 -11.49 14.92 1.29
CA PHE B 250 -10.41 15.68 0.72
C PHE B 250 -9.58 16.17 1.89
N ILE B 251 -8.27 16.03 1.77
CA ILE B 251 -7.37 16.51 2.81
C ILE B 251 -6.39 17.33 2.05
N ASP B 252 -6.42 18.64 2.29
CA ASP B 252 -5.46 19.48 1.60
C ASP B 252 -4.22 19.61 2.41
N ASN B 253 -3.20 18.98 1.82
CA ASN B 253 -1.84 18.81 2.29
C ASN B 253 -1.67 17.97 3.53
N ILE B 254 -1.71 16.67 3.30
CA ILE B 254 -1.54 15.68 4.34
C ILE B 254 -0.11 15.79 4.93
N PHE B 255 0.84 16.29 4.12
CA PHE B 255 2.21 16.45 4.57
C PHE B 255 2.24 17.26 5.86
N ARG B 256 1.47 18.37 5.87
CA ARG B 256 1.40 19.24 7.06
C ARG B 256 0.88 18.47 8.25
N PHE B 257 0.16 17.39 7.97
CA PHE B 257 -0.35 16.53 9.00
C PHE B 257 0.88 15.91 9.65
N THR B 258 1.73 15.23 8.86
CA THR B 258 2.92 14.61 9.45
C THR B 258 3.90 15.66 10.02
N GLN B 259 4.03 16.80 9.37
CA GLN B 259 4.90 17.82 9.87
C GLN B 259 4.41 18.22 11.23
N ALA B 260 3.11 18.37 11.38
CA ALA B 260 2.53 18.75 12.66
C ALA B 260 2.83 17.68 13.70
N GLY B 261 2.98 16.46 13.22
CA GLY B 261 3.25 15.37 14.13
C GLY B 261 4.63 15.49 14.74
N SER B 262 5.64 15.65 13.88
CA SER B 262 7.01 15.77 14.35
C SER B 262 7.17 16.98 15.25
N GLU B 263 6.46 18.05 14.92
CA GLU B 263 6.52 19.27 15.67
C GLU B 263 6.13 19.04 17.11
N VAL B 264 5.22 18.09 17.33
CA VAL B 264 4.74 17.74 18.68
C VAL B 264 5.66 16.73 19.35
N SER B 265 5.97 15.67 18.61
CA SER B 265 6.83 14.60 19.09
C SER B 265 8.02 15.15 19.84
N ALA B 266 8.74 16.07 19.21
CA ALA B 266 9.92 16.74 19.79
C ALA B 266 9.59 17.31 21.17
N LEU B 267 8.47 18.01 21.23
CA LEU B 267 7.99 18.64 22.45
C LEU B 267 7.62 17.66 23.56
N LEU B 268 7.14 16.47 23.17
CA LEU B 268 6.76 15.45 24.14
C LEU B 268 8.01 14.82 24.75
N GLY B 269 9.14 15.00 24.03
CA GLY B 269 10.40 14.44 24.46
C GLY B 269 10.58 13.06 23.85
N ARG B 270 10.47 12.97 22.52
CA ARG B 270 10.65 11.71 21.84
C ARG B 270 11.95 11.76 21.10
N MET B 271 12.65 10.63 21.05
CA MET B 271 13.93 10.56 20.35
C MET B 271 13.71 10.78 18.88
N PRO B 272 14.23 11.89 18.33
CA PRO B 272 14.02 12.15 16.90
C PRO B 272 14.49 10.98 16.07
N SER B 273 13.87 10.78 14.93
CA SER B 273 14.24 9.68 14.07
C SER B 273 14.79 10.31 12.81
N ALA B 274 14.74 9.58 11.70
CA ALA B 274 15.25 10.07 10.43
C ALA B 274 14.74 11.48 10.10
N ILE B 275 15.68 12.41 9.89
CA ILE B 275 15.38 13.80 9.58
C ILE B 275 14.52 14.48 10.65
N GLY B 276 14.83 14.17 11.90
CA GLY B 276 14.10 14.77 13.00
C GLY B 276 12.62 14.46 13.06
N TYR B 277 12.17 13.52 12.23
CA TYR B 277 10.78 13.13 12.26
C TYR B 277 10.51 12.41 13.55
N GLN B 278 9.24 12.10 13.82
CA GLN B 278 8.88 11.39 15.04
C GLN B 278 9.17 9.90 14.87
N PRO B 279 9.59 9.22 15.95
CA PRO B 279 9.86 7.79 15.80
C PRO B 279 8.55 7.09 15.42
N THR B 280 7.47 7.76 15.72
CA THR B 280 6.15 7.27 15.52
C THR B 280 5.47 7.57 14.17
N LEU B 281 6.22 8.07 13.20
CA LEU B 281 5.62 8.44 11.90
C LEU B 281 4.69 7.43 11.22
N ALA B 282 5.22 6.26 10.89
CA ALA B 282 4.45 5.24 10.20
C ALA B 282 3.13 4.96 10.89
N THR B 283 3.19 4.68 12.19
CA THR B 283 1.99 4.36 12.95
C THR B 283 0.87 5.42 12.89
N GLU B 284 1.23 6.69 13.05
CA GLU B 284 0.27 7.80 13.00
C GLU B 284 -0.39 7.91 11.62
N MET B 285 0.35 7.58 10.58
CA MET B 285 -0.20 7.64 9.24
C MET B 285 -1.20 6.50 9.09
N GLY B 286 -0.74 5.28 9.28
CA GLY B 286 -1.60 4.11 9.17
C GLY B 286 -2.88 4.23 9.96
N GLN B 287 -2.83 4.78 11.15
CA GLN B 287 -4.04 4.91 11.94
C GLN B 287 -5.07 5.87 11.33
N LEU B 288 -4.59 6.87 10.61
CA LEU B 288 -5.43 7.85 9.92
C LEU B 288 -5.89 7.15 8.64
N GLN B 289 -4.95 6.66 7.85
CA GLN B 289 -5.28 6.02 6.60
C GLN B 289 -6.10 4.73 6.63
N GLU B 290 -5.99 3.94 7.68
CA GLU B 290 -6.72 2.67 7.70
C GLU B 290 -8.23 2.75 7.95
N ARG B 291 -8.71 3.96 8.24
CA ARG B 291 -10.13 4.18 8.48
C ARG B 291 -10.79 4.50 7.14
N ILE B 292 -10.01 5.04 6.21
CA ILE B 292 -10.50 5.40 4.89
C ILE B 292 -10.63 4.15 4.05
N THR B 293 -11.81 3.56 4.00
CA THR B 293 -12.04 2.35 3.22
C THR B 293 -13.50 2.02 3.06
N SER B 294 -13.78 0.97 2.28
CA SER B 294 -15.15 0.50 2.04
C SER B 294 -15.40 -0.73 2.85
N THR B 295 -16.40 -0.65 3.71
CA THR B 295 -16.78 -1.77 4.53
C THR B 295 -17.97 -2.42 3.83
N ALA B 296 -18.62 -3.36 4.50
CA ALA B 296 -19.76 -4.05 3.91
C ALA B 296 -20.82 -3.06 3.49
N LYS B 297 -21.02 -2.02 4.29
CA LYS B 297 -22.04 -1.00 4.00
C LYS B 297 -21.68 0.06 2.96
N GLY B 298 -20.91 1.06 3.38
CA GLY B 298 -20.52 2.12 2.48
C GLY B 298 -19.04 2.16 2.16
N SER B 299 -18.48 3.36 2.05
CA SER B 299 -17.06 3.53 1.74
C SER B 299 -16.59 4.97 1.95
N ILE B 300 -15.28 5.14 2.04
CA ILE B 300 -14.68 6.46 2.15
C ILE B 300 -13.50 6.50 1.21
N THR B 301 -13.56 7.39 0.23
CA THR B 301 -12.47 7.55 -0.74
C THR B 301 -11.85 8.90 -0.44
N SER B 302 -10.53 8.96 -0.41
CA SER B 302 -9.86 10.21 -0.10
C SER B 302 -8.92 10.65 -1.22
N ILE B 303 -8.94 11.96 -1.47
CA ILE B 303 -8.12 12.54 -2.49
C ILE B 303 -7.27 13.46 -1.70
N GLN B 304 -6.08 13.00 -1.38
CA GLN B 304 -5.14 13.76 -0.59
C GLN B 304 -4.19 14.58 -1.45
N ALA B 305 -4.16 15.88 -1.18
CA ALA B 305 -3.27 16.78 -1.91
C ALA B 305 -1.93 16.64 -1.23
N ILE B 306 -0.91 16.30 -2.02
CA ILE B 306 0.43 16.12 -1.46
C ILE B 306 1.43 17.20 -1.85
N TYR B 307 2.16 17.73 -0.87
CA TYR B 307 3.13 18.77 -1.14
C TYR B 307 4.43 18.42 -0.43
N VAL B 308 5.32 17.78 -1.18
CA VAL B 308 6.64 17.33 -0.73
C VAL B 308 7.63 18.43 -0.33
N PRO B 309 8.54 18.10 0.61
CA PRO B 309 9.56 19.01 1.14
C PRO B 309 10.60 19.38 0.10
N ALA B 310 10.29 20.41 -0.70
CA ALA B 310 11.20 20.88 -1.73
C ALA B 310 11.62 19.78 -2.69
N ASP B 311 10.76 19.51 -3.67
CA ASP B 311 11.00 18.51 -4.71
C ASP B 311 11.29 17.07 -4.34
N ASP B 312 11.76 16.81 -3.12
CA ASP B 312 12.13 15.45 -2.68
C ASP B 312 11.02 14.51 -2.22
N TYR B 313 10.92 13.40 -2.94
CA TYR B 313 9.90 12.39 -2.66
C TYR B 313 10.41 11.21 -1.85
N THR B 314 11.68 11.24 -1.48
CA THR B 314 12.22 10.15 -0.68
C THR B 314 12.19 10.52 0.79
N ASP B 315 11.84 11.78 1.07
CA ASP B 315 11.74 12.29 2.43
C ASP B 315 10.76 11.40 3.19
N PRO B 316 11.09 11.02 4.43
CA PRO B 316 10.22 10.15 5.23
C PRO B 316 8.70 10.39 5.05
N ALA B 317 8.21 11.57 5.41
CA ALA B 317 6.80 11.88 5.31
C ALA B 317 6.16 11.36 4.03
N PRO B 318 6.52 11.88 2.85
CA PRO B 318 5.87 11.34 1.65
C PRO B 318 6.20 9.89 1.35
N ALA B 319 7.41 9.45 1.71
CA ALA B 319 7.81 8.05 1.49
C ALA B 319 6.75 7.20 2.14
N THR B 320 6.40 7.54 3.38
CA THR B 320 5.38 6.84 4.18
C THR B 320 4.01 6.91 3.54
N THR B 321 3.64 8.10 3.12
CA THR B 321 2.37 8.33 2.50
C THR B 321 2.13 7.46 1.30
N PHE B 322 2.99 7.53 0.29
CA PHE B 322 2.79 6.70 -0.91
C PHE B 322 2.42 5.23 -0.68
N SER B 323 2.86 4.65 0.43
CA SER B 323 2.57 3.26 0.72
C SER B 323 1.06 2.98 0.84
N HIS B 324 0.26 4.03 0.97
CA HIS B 324 -1.19 3.91 1.09
C HIS B 324 -1.94 4.38 -0.14
N LEU B 325 -1.26 5.00 -1.08
CA LEU B 325 -1.92 5.50 -2.29
C LEU B 325 -2.24 4.43 -3.32
N ASP B 326 -3.49 4.47 -3.81
CA ASP B 326 -3.94 3.52 -4.82
C ASP B 326 -3.93 4.14 -6.24
N ALA B 327 -3.68 5.44 -6.33
CA ALA B 327 -3.67 6.13 -7.61
C ALA B 327 -3.18 7.55 -7.41
N THR B 328 -2.62 8.11 -8.47
CA THR B 328 -2.08 9.48 -8.45
C THR B 328 -2.66 10.29 -9.61
N THR B 329 -3.10 11.51 -9.29
CA THR B 329 -3.66 12.44 -10.25
C THR B 329 -2.77 13.67 -10.36
N ASN B 330 -2.02 13.73 -11.44
CA ASN B 330 -1.09 14.81 -11.63
C ASN B 330 -1.68 15.82 -12.56
N LEU B 331 -1.88 17.03 -12.05
CA LEU B 331 -2.43 18.13 -12.81
C LEU B 331 -1.20 18.87 -13.32
N GLU B 332 -1.11 19.07 -14.63
CA GLU B 332 0.04 19.74 -15.20
C GLU B 332 -0.25 21.11 -15.81
N ARG B 333 0.61 22.09 -15.53
CA ARG B 333 0.48 23.45 -16.07
C ARG B 333 1.04 23.51 -17.48
N LYS B 334 0.68 22.53 -18.30
CA LYS B 334 1.10 22.48 -19.70
C LYS B 334 -0.15 22.21 -20.53
N LEU B 335 -0.87 21.17 -20.15
CA LEU B 335 -2.12 20.81 -20.83
C LEU B 335 -3.10 21.97 -20.62
N ALA B 336 -2.96 22.64 -19.47
CA ALA B 336 -3.79 23.78 -19.10
C ALA B 336 -3.50 24.93 -20.06
N GLU B 337 -2.22 25.21 -20.30
CA GLU B 337 -1.85 26.29 -21.21
C GLU B 337 -2.40 26.02 -22.61
N MET B 338 -2.42 24.75 -22.99
CA MET B 338 -2.95 24.35 -24.28
C MET B 338 -4.44 24.52 -24.26
N GLY B 339 -5.00 24.63 -23.07
CA GLY B 339 -6.44 24.80 -22.95
C GLY B 339 -7.12 23.47 -22.71
N ILE B 340 -6.32 22.42 -22.56
CA ILE B 340 -6.90 21.11 -22.31
C ILE B 340 -7.14 20.99 -20.81
N TYR B 341 -8.36 21.32 -20.40
CA TYR B 341 -8.78 21.23 -19.00
C TYR B 341 -9.82 20.10 -18.94
N PRO B 342 -9.73 19.22 -17.92
CA PRO B 342 -8.81 19.14 -16.79
C PRO B 342 -7.36 18.86 -17.21
N ALA B 343 -6.44 19.64 -16.63
CA ALA B 343 -5.02 19.52 -16.93
C ALA B 343 -4.48 18.27 -16.24
N VAL B 344 -5.17 17.14 -16.43
CA VAL B 344 -4.75 15.88 -15.84
C VAL B 344 -3.83 15.13 -16.81
N ASP B 345 -2.54 15.08 -16.47
CA ASP B 345 -1.54 14.40 -17.28
C ASP B 345 -1.98 12.94 -17.50
N PRO B 346 -2.29 12.57 -18.75
CA PRO B 346 -2.73 11.22 -19.12
C PRO B 346 -1.60 10.19 -19.14
N LEU B 347 -0.37 10.64 -18.90
CA LEU B 347 0.79 9.75 -18.93
C LEU B 347 1.56 9.68 -17.62
N VAL B 348 1.24 10.57 -16.68
CA VAL B 348 1.93 10.53 -15.41
C VAL B 348 0.97 10.08 -14.35
N SER B 349 -0.29 10.44 -14.50
CA SER B 349 -1.30 10.04 -13.55
C SER B 349 -1.39 8.52 -13.64
N THR B 350 -1.10 7.83 -12.55
CA THR B 350 -1.10 6.37 -12.54
C THR B 350 -2.11 5.72 -11.60
N SER B 351 -2.53 4.50 -11.93
CA SER B 351 -3.47 3.79 -11.08
C SER B 351 -3.23 2.31 -10.91
N ARG B 352 -3.38 1.89 -9.67
CA ARG B 352 -3.23 0.53 -9.20
C ARG B 352 -4.36 -0.26 -9.81
N ALA B 353 -5.34 0.48 -10.33
CA ALA B 353 -6.54 -0.08 -10.91
C ALA B 353 -6.61 -0.21 -12.42
N LEU B 354 -5.60 0.24 -13.15
CA LEU B 354 -5.67 0.06 -14.58
C LEU B 354 -5.07 -1.31 -14.88
N ALA B 355 -5.83 -2.33 -14.53
CA ALA B 355 -5.45 -3.72 -14.75
C ALA B 355 -6.67 -4.45 -15.27
N PRO B 356 -6.52 -5.22 -16.37
CA PRO B 356 -7.65 -5.97 -16.95
C PRO B 356 -8.38 -6.86 -15.96
N GLU B 357 -7.68 -7.36 -14.96
CA GLU B 357 -8.30 -8.21 -13.94
C GLU B 357 -9.44 -7.45 -13.21
N ILE B 358 -9.39 -6.12 -13.29
CA ILE B 358 -10.39 -5.24 -12.65
C ILE B 358 -11.26 -4.52 -13.67
N VAL B 359 -10.65 -3.88 -14.66
CA VAL B 359 -11.40 -3.16 -15.67
C VAL B 359 -11.69 -3.93 -16.94
N GLY B 360 -11.08 -5.10 -17.10
CA GLY B 360 -11.32 -5.89 -18.29
C GLY B 360 -10.56 -5.42 -19.52
N GLU B 361 -10.48 -6.30 -20.53
CA GLU B 361 -9.77 -5.99 -21.75
C GLU B 361 -10.36 -4.76 -22.44
N GLU B 362 -11.67 -4.65 -22.45
CA GLU B 362 -12.32 -3.51 -23.10
C GLU B 362 -11.68 -2.19 -22.64
N HIS B 363 -11.76 -1.94 -21.34
CA HIS B 363 -11.22 -0.73 -20.73
C HIS B 363 -9.69 -0.69 -20.78
N TYR B 364 -9.07 -1.70 -20.18
CA TYR B 364 -7.61 -1.78 -20.14
C TYR B 364 -6.96 -1.62 -21.51
N GLN B 365 -7.33 -2.47 -22.46
CA GLN B 365 -6.75 -2.44 -23.80
C GLN B 365 -6.79 -1.04 -24.41
N VAL B 366 -7.98 -0.43 -24.37
CA VAL B 366 -8.17 0.92 -24.91
C VAL B 366 -7.25 1.90 -24.19
N ALA B 367 -7.15 1.74 -22.86
CA ALA B 367 -6.34 2.60 -22.00
C ALA B 367 -4.84 2.61 -22.28
N ARG B 368 -4.23 1.44 -22.30
CA ARG B 368 -2.81 1.33 -22.58
C ARG B 368 -2.52 1.81 -23.99
N LYS B 369 -3.54 1.75 -24.85
CA LYS B 369 -3.40 2.21 -26.22
C LYS B 369 -3.38 3.73 -26.29
N VAL B 370 -4.34 4.38 -25.61
CA VAL B 370 -4.39 5.84 -25.57
C VAL B 370 -3.09 6.34 -24.96
N GLN B 371 -2.55 5.55 -24.02
CA GLN B 371 -1.29 5.90 -23.35
C GLN B 371 -0.11 5.67 -24.29
N GLN B 372 -0.25 4.73 -25.21
CA GLN B 372 0.82 4.45 -26.14
C GLN B 372 0.82 5.39 -27.34
N THR B 373 -0.34 5.65 -27.93
CA THR B 373 -0.40 6.54 -29.08
C THR B 373 0.16 7.89 -28.67
N LEU B 374 -0.16 8.31 -27.44
CA LEU B 374 0.32 9.58 -26.91
C LEU B 374 1.82 9.59 -26.73
N GLU B 375 2.39 8.39 -26.58
CA GLU B 375 3.82 8.19 -26.42
C GLU B 375 4.52 8.65 -27.70
N ARG B 376 4.08 8.11 -28.85
CA ARG B 376 4.66 8.47 -30.13
C ARG B 376 4.59 9.97 -30.33
N TYR B 377 3.39 10.52 -30.28
CA TYR B 377 3.19 11.95 -30.46
C TYR B 377 4.09 12.76 -29.53
N LYS B 378 4.19 12.34 -28.26
CA LYS B 378 5.02 13.04 -27.29
C LYS B 378 6.49 13.07 -27.67
N GLU B 379 7.02 11.95 -28.18
CA GLU B 379 8.43 11.86 -28.55
C GLU B 379 8.74 12.52 -29.90
N LEU B 380 7.77 12.55 -30.80
CA LEU B 380 7.98 13.15 -32.12
C LEU B 380 8.16 14.65 -32.18
N GLN B 381 7.43 15.38 -31.34
CA GLN B 381 7.49 16.84 -31.29
C GLN B 381 8.83 17.43 -31.72
N ASP B 382 9.90 16.90 -31.14
CA ASP B 382 11.25 17.36 -31.44
C ASP B 382 11.58 17.18 -32.92
N ILE B 383 11.13 16.06 -33.50
CA ILE B 383 11.33 15.77 -34.90
C ILE B 383 10.45 16.75 -35.71
N ILE B 384 9.25 17.01 -35.19
CA ILE B 384 8.28 17.91 -35.84
C ILE B 384 8.89 19.30 -36.05
N ALA B 385 9.33 19.92 -34.96
CA ALA B 385 9.92 21.26 -35.00
C ALA B 385 11.25 21.36 -35.72
N ILE B 386 11.68 20.26 -36.34
CA ILE B 386 12.95 20.22 -37.08
C ILE B 386 12.75 19.88 -38.56
N LEU B 387 12.14 18.74 -38.84
CA LEU B 387 11.88 18.32 -40.22
C LEU B 387 10.46 18.60 -40.66
N GLY B 388 9.62 19.12 -39.76
CA GLY B 388 8.27 19.42 -40.08
C GLY B 388 7.37 18.18 -40.07
N MET B 389 6.16 18.35 -40.58
CA MET B 389 5.18 17.26 -40.65
C MET B 389 5.21 16.56 -41.99
N ASP B 390 6.01 17.10 -42.92
CA ASP B 390 6.12 16.55 -44.26
C ASP B 390 6.67 15.13 -44.34
N GLU B 391 5.81 14.22 -44.79
CA GLU B 391 6.13 12.81 -44.98
C GLU B 391 6.68 12.06 -43.76
N LEU B 392 6.19 12.38 -42.58
CA LEU B 392 6.65 11.69 -41.37
C LEU B 392 6.17 10.23 -41.40
N SER B 393 7.06 9.35 -41.84
CA SER B 393 6.82 7.90 -41.94
C SER B 393 5.36 7.41 -41.92
N ASP B 394 4.57 7.83 -42.90
CA ASP B 394 3.16 7.46 -43.06
C ASP B 394 2.37 7.17 -41.78
N GLU B 395 2.59 5.99 -41.22
CA GLU B 395 1.91 5.58 -40.00
C GLU B 395 2.13 6.57 -38.86
N ASP B 396 3.37 7.06 -38.72
CA ASP B 396 3.68 8.02 -37.67
C ASP B 396 2.84 9.28 -37.76
N LYS B 397 2.54 9.70 -38.99
CA LYS B 397 1.70 10.88 -39.20
C LYS B 397 0.30 10.50 -38.76
N LEU B 398 -0.12 9.29 -39.11
CA LEU B 398 -1.43 8.76 -38.75
C LEU B 398 -1.60 8.82 -37.24
N VAL B 399 -0.50 8.61 -36.52
CA VAL B 399 -0.50 8.66 -35.06
C VAL B 399 -0.53 10.12 -34.59
N VAL B 400 0.30 10.98 -35.18
CA VAL B 400 0.32 12.38 -34.79
C VAL B 400 -1.06 12.97 -35.04
N HIS B 401 -1.75 12.40 -36.03
CA HIS B 401 -3.08 12.86 -36.38
C HIS B 401 -4.06 12.40 -35.30
N ARG B 402 -4.26 11.08 -35.20
CA ARG B 402 -5.16 10.50 -34.22
C ARG B 402 -4.87 10.94 -32.79
N ALA B 403 -3.60 11.07 -32.44
CA ALA B 403 -3.20 11.50 -31.10
C ALA B 403 -3.83 12.83 -30.73
N ARG B 404 -3.59 13.84 -31.56
CA ARG B 404 -4.12 15.18 -31.34
C ARG B 404 -5.63 15.24 -31.08
N ARG B 405 -6.36 14.30 -31.65
CA ARG B 405 -7.80 14.25 -31.44
C ARG B 405 -8.02 13.64 -30.07
N ILE B 406 -7.19 12.64 -29.76
CA ILE B 406 -7.24 11.92 -28.49
C ILE B 406 -7.02 12.81 -27.27
N GLN B 407 -5.89 13.50 -27.23
CA GLN B 407 -5.58 14.38 -26.10
C GLN B 407 -6.60 15.49 -25.95
N PHE B 408 -7.21 15.90 -27.07
CA PHE B 408 -8.24 16.94 -27.08
C PHE B 408 -9.57 16.37 -26.58
N PHE B 409 -9.86 15.12 -26.96
CA PHE B 409 -11.09 14.48 -26.55
C PHE B 409 -11.11 14.24 -25.04
N LEU B 410 -9.94 14.32 -24.41
CA LEU B 410 -9.79 14.11 -22.96
C LEU B 410 -10.22 15.28 -22.08
N SER B 411 -10.36 16.48 -22.68
CA SER B 411 -10.82 17.64 -21.90
C SER B 411 -12.31 17.48 -21.66
N GLN B 412 -12.92 18.31 -20.83
CA GLN B 412 -14.36 18.11 -20.57
C GLN B 412 -15.15 19.34 -20.09
N ASN B 413 -16.47 19.24 -20.23
CA ASN B 413 -17.37 20.30 -19.78
C ASN B 413 -17.53 20.03 -18.33
N PHE B 414 -16.99 20.87 -17.46
CA PHE B 414 -17.19 20.61 -16.05
C PHE B 414 -18.46 21.31 -15.68
N HIS B 415 -19.29 20.66 -14.85
CA HIS B 415 -20.53 21.28 -14.43
C HIS B 415 -20.21 22.62 -13.74
N VAL B 416 -19.07 22.67 -13.04
CA VAL B 416 -18.65 23.89 -12.35
C VAL B 416 -18.01 24.90 -13.30
N ALA B 417 -17.90 24.53 -14.56
CA ALA B 417 -17.31 25.42 -15.53
C ALA B 417 -18.37 26.33 -16.13
N GLU B 418 -19.60 25.81 -16.25
CA GLU B 418 -20.76 26.54 -16.81
C GLU B 418 -20.84 27.96 -16.23
N GLN B 419 -20.43 28.09 -14.97
CA GLN B 419 -20.38 29.36 -14.27
C GLN B 419 -19.81 30.45 -15.15
N PHE B 420 -18.90 30.10 -16.05
CA PHE B 420 -18.30 31.10 -16.89
C PHE B 420 -18.09 30.72 -18.32
N THR B 421 -18.65 29.60 -18.74
CA THR B 421 -18.48 29.20 -20.12
C THR B 421 -19.82 29.27 -20.87
N GLY B 422 -20.87 28.76 -20.25
CA GLY B 422 -22.17 28.72 -20.89
C GLY B 422 -22.47 27.23 -20.97
N GLN B 423 -21.53 26.47 -21.52
CA GLN B 423 -21.70 25.02 -21.65
C GLN B 423 -22.04 24.43 -20.27
N PRO B 424 -23.17 23.71 -20.18
CA PRO B 424 -23.73 23.06 -19.01
C PRO B 424 -22.84 22.11 -18.20
N GLY B 425 -22.07 21.28 -18.87
CA GLY B 425 -21.24 20.33 -18.16
C GLY B 425 -21.61 18.90 -18.46
N SER B 426 -20.63 18.01 -18.47
CA SER B 426 -20.84 16.62 -18.82
C SER B 426 -20.70 15.64 -17.67
N TYR B 427 -20.87 14.36 -17.99
CA TYR B 427 -20.71 13.24 -17.07
C TYR B 427 -20.68 11.99 -17.95
N VAL B 428 -19.56 11.79 -18.63
CA VAL B 428 -19.42 10.62 -19.48
C VAL B 428 -19.07 9.39 -18.61
N PRO B 429 -19.92 8.35 -18.67
CA PRO B 429 -19.66 7.13 -17.89
C PRO B 429 -18.56 6.30 -18.55
N VAL B 430 -17.70 5.67 -17.77
CA VAL B 430 -16.57 4.88 -18.30
C VAL B 430 -16.89 4.04 -19.54
N LYS B 431 -18.11 3.52 -19.59
CA LYS B 431 -18.60 2.69 -20.70
C LYS B 431 -18.56 3.49 -22.01
N GLU B 432 -19.15 4.67 -21.98
CA GLU B 432 -19.18 5.57 -23.12
C GLU B 432 -17.80 6.19 -23.37
N THR B 433 -17.02 6.32 -22.30
CA THR B 433 -15.68 6.90 -22.37
C THR B 433 -14.79 5.98 -23.17
N VAL B 434 -14.82 4.71 -22.82
CA VAL B 434 -14.01 3.71 -23.50
C VAL B 434 -14.37 3.67 -24.99
N ARG B 435 -15.67 3.62 -25.29
CA ARG B 435 -16.16 3.59 -26.67
C ARG B 435 -15.63 4.76 -27.49
N GLY B 436 -15.76 5.95 -26.92
CA GLY B 436 -15.29 7.15 -27.59
C GLY B 436 -13.87 6.99 -28.05
N PHE B 437 -12.98 6.56 -27.15
CA PHE B 437 -11.58 6.40 -27.49
C PHE B 437 -11.35 5.17 -28.35
N LYS B 438 -12.21 4.17 -28.20
CA LYS B 438 -12.14 2.92 -28.96
C LYS B 438 -12.20 3.28 -30.44
N GLU B 439 -13.34 3.85 -30.85
CA GLU B 439 -13.57 4.25 -32.23
C GLU B 439 -12.56 5.28 -32.73
N ILE B 440 -12.17 6.22 -31.89
CA ILE B 440 -11.18 7.24 -32.26
C ILE B 440 -9.92 6.53 -32.72
N LEU B 441 -9.47 5.55 -31.92
CA LEU B 441 -8.29 4.76 -32.21
C LEU B 441 -8.46 3.96 -33.49
N GLU B 442 -9.70 3.61 -33.79
CA GLU B 442 -10.02 2.87 -35.00
C GLU B 442 -9.98 3.84 -36.18
N GLY B 443 -9.65 5.10 -35.91
CA GLY B 443 -9.58 6.13 -36.93
C GLY B 443 -10.92 6.55 -37.50
N LYS B 444 -12.01 6.09 -36.89
CA LYS B 444 -13.38 6.37 -37.34
C LYS B 444 -13.84 7.82 -37.23
N TYR B 445 -12.91 8.72 -36.92
CA TYR B 445 -13.20 10.15 -36.80
C TYR B 445 -11.95 10.95 -37.21
N ASP B 446 -11.17 10.36 -38.11
CA ASP B 446 -9.93 10.99 -38.59
C ASP B 446 -10.17 12.08 -39.63
N HIS B 447 -11.42 12.28 -40.02
CA HIS B 447 -11.77 13.28 -41.01
C HIS B 447 -12.34 14.57 -40.41
N LEU B 448 -12.34 14.65 -39.09
CA LEU B 448 -12.87 15.82 -38.38
C LEU B 448 -11.75 16.74 -37.89
N PRO B 449 -12.02 18.07 -37.86
CA PRO B 449 -11.04 19.06 -37.40
C PRO B 449 -10.90 19.09 -35.88
N GLU B 450 -9.67 18.89 -35.41
CA GLU B 450 -9.30 18.87 -34.00
C GLU B 450 -10.34 19.38 -32.99
N ASP B 451 -10.68 20.67 -33.09
CA ASP B 451 -11.63 21.29 -32.17
C ASP B 451 -13.00 20.64 -32.08
N ARG B 452 -13.25 19.60 -32.87
CA ARG B 452 -14.54 18.92 -32.84
C ARG B 452 -14.76 18.05 -31.61
N PHE B 453 -13.69 17.48 -31.10
CA PHE B 453 -13.75 16.64 -29.90
C PHE B 453 -13.32 17.50 -28.72
N ARG B 454 -13.18 18.80 -28.98
CA ARG B 454 -12.74 19.72 -27.94
C ARG B 454 -13.82 20.14 -26.95
N LEU B 455 -13.51 19.94 -25.67
CA LEU B 455 -14.39 20.27 -24.55
C LEU B 455 -15.81 19.76 -24.64
N VAL B 456 -15.96 18.45 -24.74
CA VAL B 456 -17.29 17.85 -24.81
C VAL B 456 -17.50 16.70 -23.83
N GLY B 457 -18.40 15.79 -24.16
CA GLY B 457 -18.67 14.64 -23.32
C GLY B 457 -18.45 13.37 -24.12
N ARG B 458 -19.53 12.71 -24.52
CA ARG B 458 -19.43 11.49 -25.29
C ARG B 458 -18.88 11.79 -26.67
N ILE B 459 -18.80 10.78 -27.52
CA ILE B 459 -18.29 10.98 -28.88
C ILE B 459 -19.40 11.55 -29.80
N GLU B 460 -20.64 11.42 -29.35
CA GLU B 460 -21.78 11.95 -30.09
C GLU B 460 -21.62 13.46 -30.19
N GLU B 461 -21.39 14.10 -29.05
CA GLU B 461 -21.22 15.54 -28.96
C GLU B 461 -20.17 16.06 -29.92
N VAL B 462 -19.23 15.20 -30.29
CA VAL B 462 -18.19 15.59 -31.22
C VAL B 462 -18.84 15.78 -32.60
N VAL B 463 -19.73 14.85 -32.95
CA VAL B 463 -20.46 14.90 -34.22
C VAL B 463 -21.36 16.14 -34.25
N GLU B 464 -21.99 16.46 -33.12
CA GLU B 464 -22.86 17.64 -33.03
C GLU B 464 -21.99 18.88 -33.14
N LYS B 465 -20.77 18.77 -32.64
CA LYS B 465 -19.79 19.84 -32.67
C LYS B 465 -19.32 19.96 -34.13
N ALA B 466 -19.48 18.88 -34.90
CA ALA B 466 -19.08 18.85 -36.29
C ALA B 466 -19.94 19.77 -37.15
N LYS B 467 -21.26 19.67 -36.95
CA LYS B 467 -22.22 20.48 -37.69
C LYS B 467 -22.21 21.93 -37.21
N ALA B 468 -21.03 22.57 -37.21
CA ALA B 468 -20.88 23.95 -36.77
C ALA B 468 -20.01 24.75 -37.73
N MET B 469 -18.74 24.39 -37.83
CA MET B 469 -17.82 25.08 -38.73
C MET B 469 -17.24 24.17 -39.80
N GLY B 470 -17.97 23.12 -40.14
CA GLY B 470 -17.51 22.18 -41.15
C GLY B 470 -18.51 21.09 -41.47
S SO4 C . 3.51 -4.12 -4.96
O1 SO4 C . 3.99 -4.87 -3.84
O2 SO4 C . 2.65 -5.02 -5.74
O3 SO4 C . 2.83 -2.94 -4.45
O4 SO4 C . 4.60 -3.86 -5.81
S SO4 D . -4.80 26.19 -8.93
O1 SO4 D . -3.95 26.91 -8.03
O2 SO4 D . -4.19 25.01 -9.44
O3 SO4 D . -5.96 25.78 -8.24
O4 SO4 D . -5.23 27.01 -10.01
#